data_3K90
#
_entry.id   3K90
#
_cell.length_a   49.810
_cell.length_b   61.280
_cell.length_c   72.550
_cell.angle_alpha   105.65
_cell.angle_beta   102.23
_cell.angle_gamma   89.91
#
_symmetry.space_group_name_H-M   'P 1'
#
loop_
_entity.id
_entity.type
_entity.pdbx_description
1 polymer 'Putative uncharacterized protein'
2 non-polymer '(2Z,4E)-5-[(1S)-1-hydroxy-2,6,6-trimethyl-4-oxocyclohex-2-en-1-yl]-3-methylpenta-2,4-dienoic acid'
3 non-polymer GLYCEROL
4 non-polymer 'ACETIC ACID'
5 water water
#
_entity_poly.entity_id   1
_entity_poly.type   'polypeptide(L)'
_entity_poly.pdbx_seq_one_letter_code
;GAMASELTPEERSELKNSIAEFHTYQLDPGSCSSLHAQRIHAPPELVWSIVRRFDKPQTYKHFIKSCSVEQNFEMRVGCT
RDVIVISGLPANTSTERLDILDDERRVTGFSIIGGEHRLTNYKSVTTVHRFEKENRIWTVVLESYVVDMPEGNSEDDTRM
FADTVVKLNLQKLATVAEAMARNSGDGSGSQVT
;
_entity_poly.pdbx_strand_id   A,B,C,D
#
# COMPACT_ATOMS: atom_id res chain seq x y z
N MET A 3 5.17 -1.17 -31.40
CA MET A 3 4.63 -1.86 -32.61
C MET A 3 3.40 -2.71 -32.29
N ALA A 4 3.37 -3.32 -31.09
CA ALA A 4 2.27 -4.16 -30.65
C ALA A 4 0.99 -3.35 -30.45
N SER A 5 1.13 -2.07 -30.15
CA SER A 5 0.00 -1.15 -30.04
C SER A 5 -0.32 -0.46 -31.38
N GLU A 6 0.33 -0.91 -32.46
CA GLU A 6 0.18 -0.28 -33.79
C GLU A 6 -0.29 -1.26 -34.86
N LEU A 7 -1.51 -1.03 -35.37
CA LEU A 7 -2.11 -1.91 -36.39
C LEU A 7 -1.34 -1.89 -37.70
N THR A 8 -1.39 -2.99 -38.43
CA THR A 8 -0.91 -3.05 -39.80
C THR A 8 -2.07 -2.61 -40.71
N PRO A 9 -1.82 -2.34 -42.00
CA PRO A 9 -2.90 -1.93 -42.90
C PRO A 9 -3.87 -3.07 -43.16
N GLU A 10 -3.36 -4.30 -43.11
CA GLU A 10 -4.17 -5.49 -43.34
C GLU A 10 -5.10 -5.75 -42.14
N GLU A 11 -4.61 -5.44 -40.93
CA GLU A 11 -5.42 -5.60 -39.72
C GLU A 11 -6.56 -4.59 -39.66
N ARG A 12 -6.23 -3.31 -39.91
CA ARG A 12 -7.21 -2.22 -39.85
C ARG A 12 -8.28 -2.28 -40.94
N SER A 13 -7.94 -2.90 -42.08
CA SER A 13 -8.88 -3.05 -43.18
C SER A 13 -9.97 -4.07 -42.86
N GLU A 14 -9.56 -5.17 -42.24
CA GLU A 14 -10.48 -6.21 -41.79
C GLU A 14 -11.38 -5.68 -40.68
N LEU A 15 -10.77 -4.86 -39.80
CA LEU A 15 -11.41 -4.38 -38.59
C LEU A 15 -12.32 -3.17 -38.80
N LYS A 16 -12.36 -2.67 -40.04
CA LYS A 16 -13.18 -1.51 -40.39
C LYS A 16 -14.62 -1.68 -39.91
N ASN A 17 -15.15 -2.89 -40.07
CA ASN A 17 -16.53 -3.23 -39.69
C ASN A 17 -16.75 -3.16 -38.17
N SER A 18 -15.87 -3.82 -37.42
CA SER A 18 -15.92 -3.78 -35.95
C SER A 18 -15.72 -2.36 -35.42
N ILE A 19 -14.76 -1.62 -35.98
CA ILE A 19 -14.51 -0.23 -35.57
C ILE A 19 -15.76 0.62 -35.73
N ALA A 20 -16.43 0.50 -36.87
CA ALA A 20 -17.65 1.25 -37.14
C ALA A 20 -18.79 0.89 -36.18
N GLU A 21 -18.88 -0.39 -35.82
CA GLU A 21 -19.98 -0.88 -34.98
C GLU A 21 -19.81 -0.51 -33.50
N PHE A 22 -18.62 -0.69 -32.95
CA PHE A 22 -18.39 -0.54 -31.49
C PHE A 22 -17.49 0.62 -31.06
N HIS A 23 -16.66 1.09 -31.97
CA HIS A 23 -15.60 2.02 -31.58
C HIS A 23 -15.67 3.40 -32.26
N THR A 24 -16.84 3.75 -32.78
CA THR A 24 -17.02 5.06 -33.40
C THR A 24 -18.13 5.83 -32.70
N TYR A 25 -17.89 7.12 -32.46
CA TYR A 25 -18.73 7.89 -31.55
C TYR A 25 -19.26 9.22 -32.09
N GLN A 26 -20.54 9.47 -31.81
CA GLN A 26 -21.17 10.76 -32.02
C GLN A 26 -21.09 11.54 -30.71
N LEU A 27 -20.16 12.48 -30.62
CA LEU A 27 -19.83 13.08 -29.34
C LEU A 27 -20.57 14.38 -29.00
N ASP A 28 -21.39 14.32 -27.95
CA ASP A 28 -21.98 15.52 -27.35
C ASP A 28 -20.83 16.39 -26.83
N PRO A 29 -20.94 17.73 -26.95
CA PRO A 29 -19.85 18.58 -26.47
C PRO A 29 -19.56 18.35 -24.99
N GLY A 30 -18.33 18.58 -24.57
CA GLY A 30 -17.92 18.27 -23.21
C GLY A 30 -17.60 16.80 -22.98
N SER A 31 -17.64 16.01 -24.06
CA SER A 31 -17.19 14.61 -24.00
C SER A 31 -16.07 14.33 -25.01
N CYS A 32 -15.22 13.35 -24.69
CA CYS A 32 -14.17 12.91 -25.62
C CYS A 32 -14.05 11.40 -25.67
N SER A 33 -13.56 10.90 -26.80
CA SER A 33 -13.40 9.47 -27.01
C SER A 33 -12.01 9.14 -27.52
N SER A 34 -11.65 7.87 -27.41
CA SER A 34 -10.35 7.39 -27.83
C SER A 34 -10.39 5.88 -28.08
N LEU A 35 -9.58 5.42 -29.04
CA LEU A 35 -9.52 4.02 -29.38
C LEU A 35 -8.07 3.55 -29.34
N HIS A 36 -7.88 2.36 -28.79
CA HIS A 36 -6.58 1.77 -28.60
C HIS A 36 -6.59 0.35 -29.15
N ALA A 37 -5.42 -0.10 -29.60
CA ALA A 37 -5.26 -1.45 -30.17
C ALA A 37 -4.06 -2.18 -29.56
N GLN A 38 -4.17 -3.50 -29.44
CA GLN A 38 -3.10 -4.30 -28.86
C GLN A 38 -3.07 -5.65 -29.57
N ARG A 39 -1.94 -5.95 -30.20
CA ARG A 39 -1.75 -7.26 -30.79
C ARG A 39 -1.26 -8.23 -29.74
N ILE A 40 -1.83 -9.44 -29.75
CA ILE A 40 -1.49 -10.47 -28.77
C ILE A 40 -1.18 -11.78 -29.48
N HIS A 41 0.04 -12.25 -29.28
CA HIS A 41 0.43 -13.51 -29.86
C HIS A 41 -0.03 -14.66 -28.96
N ALA A 42 -1.34 -14.91 -29.02
CA ALA A 42 -2.02 -15.94 -28.26
C ALA A 42 -3.37 -16.21 -28.93
N PRO A 43 -4.01 -17.35 -28.64
CA PRO A 43 -5.30 -17.62 -29.27
C PRO A 43 -6.39 -16.69 -28.71
N PRO A 44 -7.33 -16.24 -29.56
CA PRO A 44 -8.38 -15.31 -29.13
C PRO A 44 -9.28 -15.88 -28.05
N GLU A 45 -9.45 -17.21 -28.03
CA GLU A 45 -10.27 -17.85 -27.00
C GLU A 45 -9.65 -17.71 -25.60
N LEU A 46 -8.32 -17.75 -25.54
CA LEU A 46 -7.60 -17.53 -24.30
C LEU A 46 -7.71 -16.07 -23.87
N VAL A 47 -7.52 -15.16 -24.83
CA VAL A 47 -7.59 -13.74 -24.56
C VAL A 47 -9.00 -13.36 -24.09
N TRP A 48 -10.01 -13.90 -24.75
CA TRP A 48 -11.40 -13.63 -24.38
C TRP A 48 -11.72 -14.19 -22.98
N SER A 49 -11.17 -15.37 -22.66
CA SER A 49 -11.44 -16.01 -21.35
C SER A 49 -10.95 -15.17 -20.18
N ILE A 50 -9.95 -14.33 -20.42
CA ILE A 50 -9.42 -13.42 -19.40
C ILE A 50 -10.25 -12.16 -19.39
N VAL A 51 -10.42 -11.58 -20.57
CA VAL A 51 -11.14 -10.33 -20.78
C VAL A 51 -12.62 -10.35 -20.36
N ARG A 52 -13.28 -11.48 -20.50
CA ARG A 52 -14.67 -11.64 -20.16
C ARG A 52 -14.97 -11.72 -18.68
N ARG A 53 -13.94 -11.86 -17.87
CA ARG A 53 -14.12 -12.07 -16.43
C ARG A 53 -14.34 -10.76 -15.71
N PHE A 54 -15.59 -10.31 -15.76
CA PHE A 54 -16.00 -9.03 -15.17
C PHE A 54 -15.64 -8.91 -13.69
N ASP A 55 -15.72 -10.03 -12.96
CA ASP A 55 -15.42 -10.02 -11.54
C ASP A 55 -13.93 -10.04 -11.21
N LYS A 56 -13.08 -10.29 -12.21
N LYS A 56 -13.07 -10.31 -12.19
CA LYS A 56 -11.62 -10.39 -12.00
CA LYS A 56 -11.63 -10.34 -11.94
C LYS A 56 -10.79 -9.43 -12.88
C LYS A 56 -10.80 -9.44 -12.87
N PRO A 57 -11.06 -8.11 -12.83
CA PRO A 57 -10.28 -7.19 -13.69
C PRO A 57 -8.78 -7.10 -13.30
N GLN A 58 -8.45 -7.37 -12.04
CA GLN A 58 -7.04 -7.38 -11.56
C GLN A 58 -6.16 -8.37 -12.31
N THR A 59 -6.78 -9.36 -12.97
CA THR A 59 -5.99 -10.35 -13.71
C THR A 59 -5.28 -9.73 -14.91
N TYR A 60 -5.79 -8.62 -15.41
CA TYR A 60 -5.19 -7.95 -16.59
C TYR A 60 -5.12 -6.44 -16.46
N LYS A 61 -5.56 -5.90 -15.33
CA LYS A 61 -5.45 -4.46 -15.14
C LYS A 61 -4.46 -4.12 -14.05
N HIS A 62 -3.72 -3.03 -14.27
CA HIS A 62 -2.82 -2.49 -13.26
C HIS A 62 -3.65 -1.68 -12.28
N PHE A 63 -3.08 -1.38 -11.13
CA PHE A 63 -3.64 -0.39 -10.23
C PHE A 63 -4.81 -0.87 -9.40
N ILE A 64 -5.16 -2.14 -9.50
CA ILE A 64 -6.29 -2.63 -8.71
C ILE A 64 -5.86 -3.40 -7.46
N LYS A 65 -6.30 -2.92 -6.30
CA LYS A 65 -5.98 -3.54 -5.01
C LYS A 65 -6.86 -4.77 -4.84
N SER A 66 -8.17 -4.56 -5.03
CA SER A 66 -9.17 -5.64 -4.98
C SER A 66 -10.41 -5.27 -5.79
N CYS A 67 -11.30 -6.25 -5.93
CA CYS A 67 -12.59 -6.06 -6.58
C CYS A 67 -13.58 -7.03 -5.97
N SER A 68 -14.76 -6.55 -5.61
CA SER A 68 -15.81 -7.44 -5.13
C SER A 68 -17.07 -7.34 -5.96
N VAL A 69 -17.79 -8.45 -6.02
CA VAL A 69 -19.10 -8.51 -6.66
C VAL A 69 -20.06 -9.04 -5.60
N GLU A 70 -21.35 -8.80 -5.77
CA GLU A 70 -22.33 -9.29 -4.81
C GLU A 70 -22.22 -10.82 -4.70
N GLN A 71 -22.29 -11.33 -3.48
CA GLN A 71 -22.22 -12.78 -3.22
C GLN A 71 -23.23 -13.53 -4.08
N ASN A 72 -22.91 -14.78 -4.42
CA ASN A 72 -23.71 -15.60 -5.34
C ASN A 72 -23.89 -14.86 -6.68
N PHE A 73 -22.81 -14.26 -7.14
CA PHE A 73 -22.78 -13.47 -8.33
C PHE A 73 -22.96 -14.38 -9.51
N GLU A 74 -23.78 -13.96 -10.46
CA GLU A 74 -23.85 -14.60 -11.77
C GLU A 74 -23.62 -13.53 -12.83
N MET A 75 -22.80 -13.81 -13.83
CA MET A 75 -22.32 -12.74 -14.69
C MET A 75 -23.30 -12.45 -15.75
N ARG A 76 -23.99 -11.33 -15.61
CA ARG A 76 -24.96 -10.97 -16.62
C ARG A 76 -24.94 -9.47 -16.80
N VAL A 77 -25.31 -9.01 -17.98
CA VAL A 77 -25.41 -7.58 -18.23
C VAL A 77 -26.23 -6.92 -17.11
N GLY A 78 -25.74 -5.80 -16.59
CA GLY A 78 -26.39 -5.12 -15.48
C GLY A 78 -25.76 -5.39 -14.13
N CYS A 79 -24.97 -6.45 -14.02
N CYS A 79 -24.96 -6.44 -14.03
CA CYS A 79 -24.24 -6.72 -12.78
CA CYS A 79 -24.21 -6.73 -12.81
C CYS A 79 -23.19 -5.64 -12.54
C CYS A 79 -23.17 -5.63 -12.54
N THR A 80 -22.89 -5.38 -11.27
CA THR A 80 -21.91 -4.37 -10.91
C THR A 80 -20.71 -4.98 -10.16
N ARG A 81 -19.60 -4.26 -10.17
CA ARG A 81 -18.42 -4.61 -9.37
C ARG A 81 -17.91 -3.36 -8.67
N ASP A 82 -17.33 -3.52 -7.49
CA ASP A 82 -16.73 -2.41 -6.76
C ASP A 82 -15.22 -2.55 -6.79
N VAL A 83 -14.58 -1.69 -7.58
CA VAL A 83 -13.14 -1.76 -7.81
C VAL A 83 -12.43 -0.89 -6.80
N ILE A 84 -11.40 -1.47 -6.18
CA ILE A 84 -10.61 -0.77 -5.19
C ILE A 84 -9.25 -0.51 -5.83
N VAL A 85 -8.84 0.74 -5.84
CA VAL A 85 -7.61 1.17 -6.47
C VAL A 85 -6.53 1.64 -5.46
N ILE A 86 -5.29 1.27 -5.68
CA ILE A 86 -4.20 1.73 -4.79
C ILE A 86 -4.13 3.25 -4.74
N SER A 87 -3.51 3.81 -3.71
CA SER A 87 -3.37 5.27 -3.58
C SER A 87 -2.44 5.95 -4.60
N GLY A 88 -2.52 7.25 -4.77
CA GLY A 88 -1.67 7.97 -5.73
C GLY A 88 -2.38 8.34 -7.02
N LEU A 89 -3.59 7.80 -7.21
CA LEU A 89 -4.36 8.07 -8.41
C LEU A 89 -5.57 8.96 -8.10
N PRO A 90 -6.29 9.46 -9.14
CA PRO A 90 -7.39 10.41 -8.87
C PRO A 90 -8.60 9.78 -8.14
N ALA A 91 -8.65 8.45 -8.08
CA ALA A 91 -9.72 7.71 -7.39
C ALA A 91 -9.22 6.78 -6.28
N ASN A 92 -10.12 6.46 -5.34
CA ASN A 92 -9.95 5.39 -4.37
C ASN A 92 -10.70 4.15 -4.83
N THR A 93 -11.84 4.39 -5.49
CA THR A 93 -12.79 3.33 -5.76
C THR A 93 -13.57 3.62 -7.04
N SER A 94 -14.16 2.57 -7.59
CA SER A 94 -15.00 2.71 -8.75
C SER A 94 -16.04 1.60 -8.74
N THR A 95 -17.31 1.97 -8.88
CA THR A 95 -18.33 0.95 -9.12
C THR A 95 -18.77 0.99 -10.58
N GLU A 96 -18.74 -0.18 -11.19
CA GLU A 96 -18.85 -0.31 -12.61
C GLU A 96 -19.92 -1.33 -12.97
N ARG A 97 -20.64 -1.04 -14.05
CA ARG A 97 -21.76 -1.87 -14.48
C ARG A 97 -21.40 -2.50 -15.80
N LEU A 98 -21.60 -3.80 -15.91
CA LEU A 98 -21.40 -4.52 -17.17
C LEU A 98 -22.51 -4.16 -18.16
N ASP A 99 -22.11 -3.60 -19.30
CA ASP A 99 -23.03 -3.11 -20.31
C ASP A 99 -23.32 -4.16 -21.38
N ILE A 100 -22.28 -4.89 -21.77
CA ILE A 100 -22.33 -5.83 -22.89
C ILE A 100 -21.50 -7.07 -22.53
N LEU A 101 -22.02 -8.25 -22.83
CA LEU A 101 -21.25 -9.47 -22.71
C LEU A 101 -21.70 -10.47 -23.76
N ASP A 102 -21.04 -10.43 -24.91
CA ASP A 102 -21.40 -11.27 -26.04
C ASP A 102 -20.29 -12.30 -26.29
N ASP A 103 -20.52 -13.52 -25.85
CA ASP A 103 -19.54 -14.61 -25.96
C ASP A 103 -19.33 -15.13 -27.37
N GLU A 104 -20.34 -14.92 -28.22
CA GLU A 104 -20.27 -15.34 -29.61
C GLU A 104 -19.34 -14.41 -30.39
N ARG A 105 -19.56 -13.11 -30.25
CA ARG A 105 -18.80 -12.15 -31.01
C ARG A 105 -17.57 -11.62 -30.25
N ARG A 106 -17.42 -12.06 -28.99
CA ARG A 106 -16.31 -11.68 -28.11
C ARG A 106 -16.23 -10.18 -27.88
N VAL A 107 -17.30 -9.64 -27.30
CA VAL A 107 -17.44 -8.21 -27.00
C VAL A 107 -17.91 -8.02 -25.56
N THR A 108 -17.19 -7.22 -24.78
CA THR A 108 -17.69 -6.66 -23.53
C THR A 108 -17.59 -5.17 -23.50
N GLY A 109 -18.17 -4.60 -22.44
CA GLY A 109 -18.01 -3.19 -22.15
C GLY A 109 -18.60 -2.90 -20.79
N PHE A 110 -18.22 -1.76 -20.21
CA PHE A 110 -18.72 -1.38 -18.91
C PHE A 110 -18.81 0.12 -18.80
N SER A 111 -19.63 0.57 -17.86
CA SER A 111 -19.75 1.98 -17.54
C SER A 111 -19.42 2.19 -16.08
N ILE A 112 -18.70 3.26 -15.79
CA ILE A 112 -18.50 3.68 -14.42
C ILE A 112 -19.73 4.48 -13.97
N ILE A 113 -20.35 4.03 -12.89
CA ILE A 113 -21.61 4.63 -12.39
C ILE A 113 -21.46 5.26 -11.01
N GLY A 114 -20.28 5.11 -10.41
CA GLY A 114 -20.05 5.64 -9.08
C GLY A 114 -18.63 5.44 -8.58
N GLY A 115 -18.43 5.76 -7.30
CA GLY A 115 -17.09 5.87 -6.74
C GLY A 115 -16.72 7.35 -6.73
N GLU A 116 -15.61 7.69 -6.09
CA GLU A 116 -15.15 9.08 -6.16
C GLU A 116 -13.89 9.19 -7.03
N HIS A 117 -14.04 9.84 -8.18
CA HIS A 117 -12.93 10.18 -9.07
C HIS A 117 -13.40 11.25 -10.06
N ARG A 118 -12.65 11.43 -11.14
CA ARG A 118 -12.93 12.51 -12.09
C ARG A 118 -13.38 12.01 -13.48
N LEU A 119 -13.87 10.79 -13.57
CA LEU A 119 -14.14 10.16 -14.87
C LEU A 119 -15.63 9.96 -15.21
N THR A 120 -16.42 11.01 -15.01
CA THR A 120 -17.87 10.89 -15.11
C THR A 120 -18.37 10.42 -16.47
N ASN A 121 -19.30 9.49 -16.44
CA ASN A 121 -19.90 8.90 -17.65
C ASN A 121 -18.89 8.15 -18.54
N TYR A 122 -17.78 7.71 -17.95
CA TYR A 122 -16.86 6.80 -18.62
C TYR A 122 -17.59 5.51 -19.00
N LYS A 123 -17.48 5.16 -20.28
CA LYS A 123 -18.05 3.92 -20.83
C LYS A 123 -17.00 3.39 -21.78
N SER A 124 -16.64 2.12 -21.66
CA SER A 124 -15.70 1.55 -22.62
C SER A 124 -16.23 0.27 -23.23
N VAL A 125 -15.71 -0.05 -24.40
CA VAL A 125 -16.08 -1.28 -25.09
C VAL A 125 -14.80 -1.97 -25.53
N THR A 126 -14.74 -3.28 -25.30
CA THR A 126 -13.59 -4.11 -25.66
C THR A 126 -14.02 -5.23 -26.61
N THR A 127 -13.33 -5.35 -27.73
CA THR A 127 -13.61 -6.41 -28.69
C THR A 127 -12.35 -7.21 -28.95
N VAL A 128 -12.52 -8.53 -29.09
CA VAL A 128 -11.40 -9.43 -29.32
C VAL A 128 -11.53 -10.05 -30.71
N HIS A 129 -10.44 -10.04 -31.48
CA HIS A 129 -10.49 -10.44 -32.88
C HIS A 129 -9.44 -11.48 -33.27
N ARG A 130 -9.86 -12.43 -34.11
CA ARG A 130 -9.01 -13.50 -34.58
C ARG A 130 -8.33 -13.10 -35.90
N PHE A 131 -7.06 -13.43 -36.03
CA PHE A 131 -6.40 -13.28 -37.32
C PHE A 131 -5.71 -14.57 -37.74
N GLU A 132 -5.95 -14.96 -39.00
CA GLU A 132 -5.30 -16.11 -39.59
C GLU A 132 -4.79 -15.71 -40.97
N LYS A 133 -3.48 -15.88 -41.19
CA LYS A 133 -2.84 -15.59 -42.47
C LYS A 133 -1.34 -15.85 -42.42
N GLU A 134 -0.89 -17.02 -42.85
CA GLU A 134 -1.75 -18.16 -43.19
C GLU A 134 -1.24 -19.39 -42.42
N ASN A 135 -2.16 -20.11 -41.78
CA ASN A 135 -1.82 -21.21 -40.86
C ASN A 135 -0.88 -20.72 -39.75
N ARG A 136 -1.18 -19.51 -39.28
CA ARG A 136 -0.53 -18.86 -38.15
C ARG A 136 -1.56 -17.90 -37.56
N ILE A 137 -1.78 -18.01 -36.24
CA ILE A 137 -2.92 -17.36 -35.57
C ILE A 137 -2.52 -16.39 -34.48
N TRP A 138 -3.10 -15.19 -34.50
CA TRP A 138 -2.92 -14.23 -33.42
C TRP A 138 -4.21 -13.47 -33.11
N THR A 139 -4.12 -12.56 -32.13
CA THR A 139 -5.27 -11.83 -31.63
C THR A 139 -5.02 -10.33 -31.71
N VAL A 140 -6.03 -9.60 -32.14
CA VAL A 140 -6.02 -8.14 -31.95
C VAL A 140 -7.17 -7.77 -31.00
N VAL A 141 -6.85 -7.00 -29.97
CA VAL A 141 -7.84 -6.46 -29.04
C VAL A 141 -8.02 -4.98 -29.34
N LEU A 142 -9.27 -4.56 -29.52
CA LEU A 142 -9.59 -3.14 -29.64
C LEU A 142 -10.37 -2.74 -28.40
N GLU A 143 -10.04 -1.57 -27.87
CA GLU A 143 -10.74 -1.03 -26.70
C GLU A 143 -10.89 0.48 -26.88
N SER A 144 -12.13 0.95 -26.83
CA SER A 144 -12.37 2.40 -26.97
C SER A 144 -13.17 2.89 -25.78
N TYR A 145 -13.11 4.18 -25.51
CA TYR A 145 -13.92 4.72 -24.43
C TYR A 145 -14.47 6.07 -24.81
N VAL A 146 -15.52 6.55 -24.11
CA VAL A 146 -16.14 7.96 -24.11
C VAL A 146 -16.14 8.41 -22.60
N VAL A 147 -15.62 9.58 -22.31
CA VAL A 147 -15.60 10.17 -20.95
C VAL A 147 -16.04 11.64 -21.38
N ASP A 148 -16.68 12.30 -20.44
CA ASP A 148 -16.89 13.74 -20.53
C ASP A 148 -15.75 14.26 -19.61
N MET A 149 -15.12 15.38 -19.99
CA MET A 149 -14.06 16.03 -19.22
C MET A 149 -14.66 17.13 -18.34
N PRO A 150 -13.92 17.54 -17.29
CA PRO A 150 -14.28 18.73 -16.50
C PRO A 150 -14.39 20.00 -17.33
N GLU A 155 -10.47 18.49 -23.23
CA GLU A 155 -9.40 18.46 -22.24
C GLU A 155 -8.37 17.36 -22.52
N ASP A 156 -7.13 17.79 -22.73
CA ASP A 156 -6.03 16.86 -22.96
C ASP A 156 -5.76 15.99 -21.74
N ASP A 157 -5.90 16.56 -20.54
CA ASP A 157 -5.54 15.86 -19.30
C ASP A 157 -6.30 14.56 -19.07
N THR A 158 -7.63 14.65 -19.07
CA THR A 158 -8.50 13.51 -18.88
C THR A 158 -8.18 12.43 -19.91
N ARG A 159 -8.02 12.86 -21.17
CA ARG A 159 -7.75 11.97 -22.28
C ARG A 159 -6.36 11.34 -22.15
N MET A 160 -5.37 12.12 -21.76
CA MET A 160 -4.02 11.61 -21.57
C MET A 160 -3.96 10.58 -20.43
N PHE A 161 -4.67 10.86 -19.33
CA PHE A 161 -4.73 9.91 -18.21
C PHE A 161 -5.35 8.57 -18.60
N ALA A 162 -6.53 8.63 -19.22
CA ALA A 162 -7.28 7.41 -19.52
C ALA A 162 -6.53 6.60 -20.56
N ASP A 163 -5.97 7.29 -21.55
CA ASP A 163 -5.16 6.66 -22.58
C ASP A 163 -4.00 5.91 -21.94
N THR A 164 -3.37 6.51 -20.92
CA THR A 164 -2.24 5.88 -20.25
C THR A 164 -2.65 4.56 -19.59
N VAL A 165 -3.73 4.61 -18.80
CA VAL A 165 -4.23 3.44 -18.10
C VAL A 165 -4.62 2.34 -19.09
N VAL A 166 -5.40 2.71 -20.11
CA VAL A 166 -5.89 1.74 -21.08
C VAL A 166 -4.74 1.02 -21.80
N LYS A 167 -3.75 1.77 -22.28
CA LYS A 167 -2.59 1.19 -22.96
C LYS A 167 -1.82 0.23 -22.06
N LEU A 168 -1.52 0.67 -20.85
CA LEU A 168 -0.84 -0.14 -19.83
C LEU A 168 -1.59 -1.43 -19.54
N ASN A 169 -2.89 -1.32 -19.34
CA ASN A 169 -3.74 -2.50 -19.12
C ASN A 169 -3.76 -3.45 -20.31
N LEU A 170 -3.83 -2.91 -21.53
CA LEU A 170 -3.72 -3.75 -22.73
C LEU A 170 -2.37 -4.45 -22.84
N GLN A 171 -1.31 -3.75 -22.46
CA GLN A 171 0.03 -4.32 -22.40
C GLN A 171 0.08 -5.49 -21.42
N LYS A 172 -0.49 -5.32 -20.22
CA LYS A 172 -0.58 -6.42 -19.25
C LYS A 172 -1.38 -7.58 -19.82
N LEU A 173 -2.55 -7.29 -20.42
CA LEU A 173 -3.38 -8.33 -21.03
C LEU A 173 -2.55 -9.17 -21.99
N ALA A 174 -1.79 -8.50 -22.86
CA ALA A 174 -0.90 -9.17 -23.83
C ALA A 174 0.14 -10.06 -23.15
N THR A 175 0.78 -9.53 -22.11
CA THR A 175 1.80 -10.26 -21.35
C THR A 175 1.23 -11.49 -20.64
N VAL A 176 0.15 -11.29 -19.90
CA VAL A 176 -0.52 -12.35 -19.15
C VAL A 176 -1.02 -13.48 -20.06
N ALA A 177 -1.68 -13.11 -21.16
CA ALA A 177 -2.13 -14.07 -22.19
C ALA A 177 -0.98 -14.85 -22.82
N GLU A 178 0.10 -14.14 -23.13
CA GLU A 178 1.27 -14.76 -23.74
C GLU A 178 2.00 -15.71 -22.78
N ALA A 179 1.95 -15.41 -21.48
CA ALA A 179 2.50 -16.30 -20.46
C ALA A 179 1.66 -17.57 -20.29
N MET A 180 0.35 -17.44 -20.47
CA MET A 180 -0.55 -18.57 -20.37
C MET A 180 -0.44 -19.49 -21.58
N ALA A 181 -0.22 -18.89 -22.75
CA ALA A 181 -0.06 -19.63 -24.00
C ALA A 181 1.20 -20.51 -23.98
N ARG A 182 2.27 -20.01 -23.33
CA ARG A 182 3.52 -20.75 -23.16
C ARG A 182 3.34 -22.03 -22.35
N MET B 3 14.74 -8.12 -12.05
CA MET B 3 13.24 -8.16 -12.16
C MET B 3 12.77 -7.79 -13.57
N ALA B 4 13.29 -8.60 -14.57
CA ALA B 4 13.16 -8.16 -15.96
C ALA B 4 12.94 -9.35 -16.88
N SER B 5 12.68 -10.56 -16.55
CA SER B 5 12.51 -10.98 -15.16
C SER B 5 13.84 -11.15 -14.41
N GLU B 6 13.76 -11.75 -13.22
CA GLU B 6 14.79 -11.66 -12.16
C GLU B 6 16.25 -11.74 -12.61
N LEU B 7 17.11 -10.95 -11.96
CA LEU B 7 18.54 -10.96 -12.26
C LEU B 7 19.18 -12.30 -11.90
N THR B 8 20.18 -12.70 -12.67
CA THR B 8 20.91 -13.94 -12.40
C THR B 8 21.85 -13.76 -11.22
N PRO B 9 22.35 -14.88 -10.63
CA PRO B 9 23.39 -14.78 -9.60
C PRO B 9 24.65 -14.02 -10.08
N GLU B 10 25.07 -14.27 -11.32
CA GLU B 10 26.21 -13.57 -11.93
C GLU B 10 25.96 -12.06 -12.03
N GLU B 11 24.77 -11.69 -12.51
CA GLU B 11 24.42 -10.27 -12.62
C GLU B 11 24.43 -9.60 -11.23
N ARG B 12 23.83 -10.27 -10.25
CA ARG B 12 23.77 -9.76 -8.87
C ARG B 12 25.17 -9.53 -8.29
N SER B 13 26.04 -10.52 -8.46
CA SER B 13 27.41 -10.42 -8.01
C SER B 13 28.12 -9.23 -8.64
N GLU B 14 27.94 -9.06 -9.95
CA GLU B 14 28.60 -7.96 -10.64
C GLU B 14 28.11 -6.57 -10.22
N LEU B 15 26.85 -6.50 -9.78
CA LEU B 15 26.19 -5.24 -9.40
C LEU B 15 26.37 -4.84 -7.94
N LYS B 16 26.95 -5.75 -7.12
CA LYS B 16 27.11 -5.48 -5.68
C LYS B 16 27.79 -4.16 -5.41
N ASN B 17 28.88 -3.91 -6.12
CA ASN B 17 29.66 -2.71 -5.87
C ASN B 17 28.93 -1.42 -6.23
N SER B 18 28.21 -1.45 -7.34
CA SER B 18 27.41 -0.29 -7.77
C SER B 18 26.24 -0.01 -6.81
N ILE B 19 25.61 -1.06 -6.31
CA ILE B 19 24.53 -0.91 -5.33
C ILE B 19 25.04 -0.22 -4.06
N ALA B 20 26.17 -0.71 -3.54
CA ALA B 20 26.82 -0.11 -2.37
C ALA B 20 27.17 1.36 -2.62
N GLU B 21 27.69 1.67 -3.81
CA GLU B 21 28.13 3.04 -4.08
C GLU B 21 26.96 3.99 -4.35
N PHE B 22 25.96 3.54 -5.11
CA PHE B 22 24.98 4.46 -5.66
C PHE B 22 23.55 4.27 -5.17
N HIS B 23 23.24 3.09 -4.67
CA HIS B 23 21.86 2.75 -4.36
C HIS B 23 21.62 2.37 -2.89
N THR B 24 22.55 2.71 -2.00
CA THR B 24 22.27 2.49 -0.57
C THR B 24 22.21 3.80 0.19
N TYR B 25 21.10 3.99 0.91
CA TYR B 25 20.81 5.26 1.52
C TYR B 25 20.94 5.14 3.03
N GLN B 26 21.45 6.20 3.65
CA GLN B 26 21.45 6.31 5.10
C GLN B 26 20.11 6.94 5.37
N LEU B 27 19.17 6.17 5.92
CA LEU B 27 17.82 6.67 6.07
C LEU B 27 17.69 7.62 7.25
N ASP B 28 16.87 8.66 7.06
CA ASP B 28 16.29 9.40 8.17
C ASP B 28 15.24 8.52 8.78
N PRO B 29 15.08 8.57 10.12
CA PRO B 29 13.89 7.96 10.73
C PRO B 29 12.62 8.45 10.03
N GLY B 30 11.72 7.53 9.69
CA GLY B 30 10.50 7.86 8.97
C GLY B 30 10.55 7.76 7.45
N SER B 31 11.66 7.27 6.91
CA SER B 31 11.78 7.10 5.48
C SER B 31 12.12 5.68 5.06
N CYS B 32 12.03 5.43 3.77
CA CYS B 32 12.24 4.11 3.20
C CYS B 32 12.93 4.20 1.85
N SER B 33 13.55 3.10 1.43
CA SER B 33 14.26 3.09 0.17
C SER B 33 13.88 1.83 -0.57
N SER B 34 13.91 1.89 -1.89
CA SER B 34 13.53 0.77 -2.71
C SER B 34 14.44 0.66 -3.94
N LEU B 35 14.72 -0.57 -4.39
CA LEU B 35 15.64 -0.76 -5.50
C LEU B 35 14.99 -1.67 -6.54
N HIS B 36 14.98 -1.20 -7.78
CA HIS B 36 14.44 -1.97 -8.92
C HIS B 36 15.52 -2.23 -9.96
N ALA B 37 15.43 -3.36 -10.65
CA ALA B 37 16.31 -3.65 -11.78
C ALA B 37 15.50 -3.95 -13.04
N GLN B 38 16.10 -3.66 -14.18
CA GLN B 38 15.49 -4.05 -15.45
C GLN B 38 16.59 -4.50 -16.42
N ARG B 39 16.47 -5.71 -16.95
CA ARG B 39 17.40 -6.17 -17.99
C ARG B 39 16.91 -5.67 -19.32
N ILE B 40 17.84 -5.19 -20.15
CA ILE B 40 17.48 -4.65 -21.45
C ILE B 40 18.40 -5.24 -22.51
N HIS B 41 17.80 -5.79 -23.57
CA HIS B 41 18.58 -6.41 -24.65
C HIS B 41 18.91 -5.37 -25.71
N ALA B 42 19.80 -4.47 -25.33
CA ALA B 42 20.26 -3.36 -26.14
C ALA B 42 21.60 -2.91 -25.58
N PRO B 43 22.43 -2.22 -26.40
CA PRO B 43 23.72 -1.77 -25.90
C PRO B 43 23.57 -0.68 -24.82
N PRO B 44 24.49 -0.69 -23.83
CA PRO B 44 24.41 0.25 -22.71
C PRO B 44 24.50 1.72 -23.10
N GLU B 45 25.32 2.04 -24.10
N GLU B 45 25.31 2.05 -24.09
CA GLU B 45 25.45 3.41 -24.58
CA GLU B 45 25.43 3.44 -24.53
C GLU B 45 24.12 3.95 -25.11
C GLU B 45 24.10 3.96 -25.10
N LEU B 46 23.35 3.08 -25.77
CA LEU B 46 22.02 3.41 -26.26
C LEU B 46 21.07 3.68 -25.10
N VAL B 47 21.03 2.77 -24.13
CA VAL B 47 20.16 2.93 -22.96
C VAL B 47 20.53 4.24 -22.22
N TRP B 48 21.82 4.44 -22.01
CA TRP B 48 22.29 5.62 -21.29
C TRP B 48 21.91 6.92 -22.03
N SER B 49 22.02 6.91 -23.37
CA SER B 49 21.60 8.07 -24.17
C SER B 49 20.14 8.50 -23.89
N ILE B 50 19.28 7.55 -23.56
CA ILE B 50 17.88 7.85 -23.19
C ILE B 50 17.81 8.30 -21.73
N VAL B 51 18.43 7.52 -20.87
CA VAL B 51 18.39 7.72 -19.41
C VAL B 51 18.92 9.10 -19.01
N ARG B 52 20.01 9.51 -19.66
CA ARG B 52 20.72 10.71 -19.24
C ARG B 52 20.01 12.00 -19.62
N ARG B 53 18.97 11.92 -20.47
CA ARG B 53 18.28 13.12 -20.95
C ARG B 53 17.30 13.73 -19.92
N PHE B 54 17.85 14.53 -19.02
CA PHE B 54 17.07 15.15 -17.93
C PHE B 54 15.88 15.96 -18.46
N ASP B 55 16.03 16.53 -19.64
CA ASP B 55 15.01 17.39 -20.23
C ASP B 55 13.87 16.60 -20.90
N LYS B 56 14.06 15.30 -21.07
CA LYS B 56 13.11 14.46 -21.80
C LYS B 56 12.76 13.16 -21.06
N PRO B 57 12.23 13.27 -19.81
CA PRO B 57 11.80 12.04 -19.12
C PRO B 57 10.65 11.32 -19.82
N GLN B 58 9.86 12.04 -20.60
CA GLN B 58 8.65 11.48 -21.26
C GLN B 58 8.98 10.34 -22.21
N THR B 59 10.21 10.31 -22.71
CA THR B 59 10.67 9.23 -23.60
C THR B 59 10.51 7.85 -22.95
N TYR B 60 10.75 7.76 -21.65
CA TYR B 60 10.68 6.45 -20.93
C TYR B 60 9.67 6.38 -19.76
N LYS B 61 9.19 7.52 -19.27
CA LYS B 61 8.32 7.52 -18.09
C LYS B 61 6.84 7.70 -18.43
N HIS B 62 5.97 7.16 -17.58
CA HIS B 62 4.53 7.25 -17.79
C HIS B 62 3.92 8.47 -17.03
N PHE B 63 2.76 8.90 -17.50
CA PHE B 63 1.94 9.93 -16.81
C PHE B 63 2.49 11.37 -16.92
N ILE B 64 3.41 11.61 -17.87
CA ILE B 64 3.94 12.96 -18.07
C ILE B 64 3.25 13.70 -19.21
N LYS B 65 2.63 14.83 -18.88
CA LYS B 65 2.02 15.69 -19.90
C LYS B 65 3.11 16.45 -20.64
N SER B 66 4.03 17.01 -19.87
CA SER B 66 5.11 17.83 -20.43
C SER B 66 6.26 17.97 -19.47
N CYS B 67 7.42 18.34 -20.00
CA CYS B 67 8.57 18.63 -19.19
C CYS B 67 9.18 19.89 -19.75
N SER B 68 9.40 20.87 -18.90
CA SER B 68 10.05 22.09 -19.36
C SER B 68 11.28 22.42 -18.54
N VAL B 69 12.28 22.94 -19.24
CA VAL B 69 13.55 23.33 -18.64
C VAL B 69 13.88 24.75 -19.10
N GLU B 70 15.07 25.23 -18.75
CA GLU B 70 15.57 26.51 -19.26
C GLU B 70 15.70 26.51 -20.78
N GLN B 71 15.36 27.65 -21.40
CA GLN B 71 15.64 27.88 -22.82
C GLN B 71 17.13 27.71 -23.10
N ASN B 72 17.48 27.27 -24.31
CA ASN B 72 18.86 26.90 -24.67
C ASN B 72 19.50 26.02 -23.60
N PHE B 73 18.86 24.88 -23.33
CA PHE B 73 19.17 24.06 -22.17
C PHE B 73 20.56 23.44 -22.21
N GLU B 74 21.35 23.77 -21.20
CA GLU B 74 22.65 23.15 -20.99
C GLU B 74 22.63 22.31 -19.71
N MET B 75 22.68 20.99 -19.89
CA MET B 75 22.53 20.04 -18.79
C MET B 75 23.75 19.91 -17.90
N ARG B 76 23.57 20.24 -16.63
CA ARG B 76 24.61 20.11 -15.61
C ARG B 76 23.93 19.98 -14.25
N VAL B 77 24.65 19.51 -13.23
CA VAL B 77 24.04 19.33 -11.93
C VAL B 77 23.60 20.66 -11.34
N GLY B 78 22.46 20.67 -10.67
CA GLY B 78 21.88 21.89 -10.15
C GLY B 78 20.75 22.46 -11.00
N CYS B 79 20.71 22.10 -12.27
CA CYS B 79 19.60 22.53 -13.13
C CYS B 79 18.29 21.85 -12.70
N THR B 80 17.18 22.48 -13.04
CA THR B 80 15.88 21.99 -12.63
C THR B 80 14.98 21.80 -13.85
N ARG B 81 13.97 20.96 -13.69
CA ARG B 81 12.95 20.76 -14.72
C ARG B 81 11.59 20.84 -14.02
N ASP B 82 10.57 21.28 -14.74
CA ASP B 82 9.21 21.20 -14.23
C ASP B 82 8.50 20.09 -14.94
N VAL B 83 8.07 19.09 -14.19
CA VAL B 83 7.34 17.98 -14.79
C VAL B 83 5.83 18.08 -14.48
N ILE B 84 5.01 18.26 -15.50
CA ILE B 84 3.58 18.23 -15.30
C ILE B 84 3.09 16.82 -15.38
N VAL B 85 2.59 16.29 -14.29
CA VAL B 85 2.10 14.96 -14.29
C VAL B 85 0.59 14.83 -14.22
N ILE B 86 0.13 13.78 -14.86
CA ILE B 86 -1.23 13.54 -15.28
C ILE B 86 -1.78 12.35 -14.53
N SER B 87 -1.07 11.91 -13.53
CA SER B 87 -1.53 10.84 -12.72
C SER B 87 -2.42 11.36 -11.64
N GLY B 88 -2.40 12.68 -11.47
CA GLY B 88 -3.45 13.42 -10.76
C GLY B 88 -4.28 14.14 -11.81
N LEU B 89 -5.60 14.20 -11.63
CA LEU B 89 -6.41 14.64 -12.76
C LEU B 89 -6.56 16.16 -12.91
N PRO B 90 -6.51 16.89 -11.81
CA PRO B 90 -6.12 18.30 -11.89
C PRO B 90 -4.59 18.36 -12.05
N ALA B 91 -4.07 18.24 -13.28
CA ALA B 91 -2.64 18.04 -13.50
C ALA B 91 -1.77 18.74 -12.45
N ASN B 92 -0.82 18.01 -11.88
CA ASN B 92 0.10 18.64 -10.94
C ASN B 92 1.48 18.83 -11.53
N THR B 93 2.19 19.82 -10.99
CA THR B 93 3.57 20.05 -11.41
C THR B 93 4.57 19.77 -10.31
N SER B 94 5.69 19.21 -10.72
CA SER B 94 6.77 18.77 -9.88
C SER B 94 8.03 19.51 -10.31
N THR B 95 8.72 20.18 -9.39
CA THR B 95 10.02 20.76 -9.67
C THR B 95 11.11 19.81 -9.17
N GLU B 96 11.98 19.42 -10.09
CA GLU B 96 12.99 18.37 -9.84
C GLU B 96 14.36 18.93 -10.18
N ARG B 97 15.36 18.56 -9.37
CA ARG B 97 16.70 19.05 -9.48
C ARG B 97 17.61 17.89 -9.88
N LEU B 98 18.49 18.14 -10.85
CA LEU B 98 19.49 17.19 -11.29
C LEU B 98 20.56 17.14 -10.22
N ASP B 99 20.71 16.00 -9.56
CA ASP B 99 21.68 15.80 -8.48
C ASP B 99 23.03 15.27 -8.98
N ILE B 100 22.98 14.41 -9.98
CA ILE B 100 24.15 13.66 -10.45
C ILE B 100 24.07 13.54 -11.93
N LEU B 101 25.19 13.74 -12.61
CA LEU B 101 25.35 13.30 -14.00
C LEU B 101 26.79 12.88 -14.25
N ASP B 102 27.02 11.59 -14.48
CA ASP B 102 28.36 11.13 -14.82
C ASP B 102 28.26 10.33 -16.08
N ASP B 103 28.68 10.90 -17.21
CA ASP B 103 28.59 10.17 -18.49
C ASP B 103 29.61 9.06 -18.56
N GLU B 104 30.74 9.21 -17.87
CA GLU B 104 31.76 8.18 -17.92
C GLU B 104 31.31 6.90 -17.21
N ARG B 105 30.64 7.05 -16.07
CA ARG B 105 30.21 5.89 -15.29
C ARG B 105 28.72 5.59 -15.40
N ARG B 106 27.99 6.37 -16.19
CA ARG B 106 26.57 6.14 -16.49
C ARG B 106 25.67 6.16 -15.24
N VAL B 107 25.74 7.26 -14.51
CA VAL B 107 24.95 7.49 -13.32
C VAL B 107 24.28 8.85 -13.38
N THR B 108 22.99 8.88 -13.10
CA THR B 108 22.28 10.14 -12.97
C THR B 108 21.31 10.00 -11.79
N GLY B 109 20.84 11.12 -11.27
CA GLY B 109 19.80 11.09 -10.23
C GLY B 109 19.25 12.48 -10.01
N PHE B 110 18.07 12.56 -9.42
CA PHE B 110 17.38 13.81 -9.21
C PHE B 110 16.63 13.79 -7.89
N SER B 111 16.26 14.99 -7.42
CA SER B 111 15.43 15.14 -6.22
C SER B 111 14.20 15.94 -6.58
N ILE B 112 13.07 15.63 -5.95
CA ILE B 112 11.90 16.50 -6.04
C ILE B 112 12.06 17.59 -4.99
N ILE B 113 12.14 18.85 -5.44
CA ILE B 113 12.43 19.95 -4.52
C ILE B 113 11.23 20.88 -4.29
N GLY B 114 10.19 20.74 -5.10
CA GLY B 114 9.02 21.62 -5.04
C GLY B 114 7.83 21.04 -5.77
N GLY B 115 6.65 21.57 -5.47
CA GLY B 115 5.40 21.10 -6.06
C GLY B 115 4.55 20.25 -5.11
N GLU B 116 3.64 19.48 -5.68
CA GLU B 116 2.65 18.67 -4.92
C GLU B 116 3.21 17.58 -3.98
N HIS B 117 4.26 16.87 -4.40
CA HIS B 117 4.88 15.84 -3.56
C HIS B 117 6.24 16.27 -3.00
N ARG B 118 6.42 17.58 -2.88
CA ARG B 118 7.61 18.17 -2.26
C ARG B 118 7.83 17.60 -0.85
N LEU B 119 6.73 17.34 -0.14
CA LEU B 119 6.80 16.86 1.24
C LEU B 119 7.37 15.44 1.38
N THR B 120 7.37 14.69 0.29
CA THR B 120 7.88 13.34 0.27
C THR B 120 9.42 13.24 0.40
N ASN B 121 10.13 14.35 0.16
CA ASN B 121 11.61 14.36 0.07
C ASN B 121 12.16 13.21 -0.81
N TYR B 122 11.56 13.04 -1.98
CA TYR B 122 11.91 12.00 -2.94
C TYR B 122 13.25 12.27 -3.60
N LYS B 123 14.09 11.25 -3.65
CA LYS B 123 15.38 11.37 -4.32
C LYS B 123 15.63 10.01 -4.96
N SER B 124 16.07 10.01 -6.22
CA SER B 124 16.24 8.79 -6.96
C SER B 124 17.59 8.79 -7.69
N VAL B 125 18.12 7.59 -7.92
CA VAL B 125 19.39 7.39 -8.66
C VAL B 125 19.15 6.26 -9.66
N THR B 126 19.61 6.50 -10.89
CA THR B 126 19.58 5.48 -11.95
C THR B 126 21.00 5.19 -12.42
N THR B 127 21.34 3.91 -12.54
CA THR B 127 22.65 3.53 -13.11
C THR B 127 22.45 2.53 -14.25
N VAL B 128 23.35 2.59 -15.22
CA VAL B 128 23.27 1.76 -16.41
C VAL B 128 24.54 0.89 -16.46
N HIS B 129 24.35 -0.42 -16.66
CA HIS B 129 25.43 -1.38 -16.51
C HIS B 129 25.57 -2.27 -17.73
N ARG B 130 26.81 -2.43 -18.20
CA ARG B 130 27.15 -3.26 -19.34
C ARG B 130 27.47 -4.66 -18.90
N PHE B 131 26.89 -5.62 -19.62
CA PHE B 131 27.20 -7.02 -19.41
C PHE B 131 27.65 -7.63 -20.73
N GLU B 132 28.63 -8.53 -20.65
CA GLU B 132 29.12 -9.21 -21.84
C GLU B 132 29.43 -10.65 -21.48
N LYS B 133 28.84 -11.64 -22.12
CA LYS B 133 29.19 -13.05 -21.81
C LYS B 133 29.08 -13.72 -23.11
N GLU B 134 30.26 -14.13 -23.60
CA GLU B 134 30.37 -15.07 -24.71
C GLU B 134 30.06 -14.37 -26.00
N ASN B 135 30.15 -13.05 -25.95
CA ASN B 135 29.94 -12.24 -27.11
C ASN B 135 28.58 -11.57 -27.19
N ARG B 136 27.61 -11.93 -26.35
CA ARG B 136 26.47 -11.10 -26.46
C ARG B 136 26.65 -10.04 -25.40
N ILE B 137 26.10 -8.93 -25.74
CA ILE B 137 26.20 -7.71 -24.95
C ILE B 137 24.80 -7.28 -24.58
N TRP B 138 24.60 -6.99 -23.30
CA TRP B 138 23.30 -6.50 -22.85
C TRP B 138 23.48 -5.51 -21.70
N THR B 139 22.35 -5.05 -21.16
CA THR B 139 22.29 -3.92 -20.24
C THR B 139 21.42 -4.31 -19.04
N VAL B 140 21.84 -3.91 -17.85
CA VAL B 140 20.93 -3.89 -16.70
C VAL B 140 20.86 -2.43 -16.23
N VAL B 141 19.63 -1.98 -15.98
CA VAL B 141 19.39 -0.67 -15.36
C VAL B 141 18.98 -0.87 -13.92
N LEU B 142 19.64 -0.13 -13.01
CA LEU B 142 19.21 -0.06 -11.62
C LEU B 142 18.63 1.31 -11.34
N GLU B 143 17.46 1.34 -10.72
CA GLU B 143 16.87 2.61 -10.25
C GLU B 143 16.42 2.42 -8.83
N SER B 144 16.88 3.31 -7.96
CA SER B 144 16.49 3.28 -6.56
C SER B 144 15.93 4.64 -6.17
N TYR B 145 15.20 4.69 -5.06
CA TYR B 145 14.76 5.97 -4.54
C TYR B 145 14.66 5.89 -3.03
N VAL B 146 14.62 7.05 -2.40
CA VAL B 146 14.26 7.16 -1.00
C VAL B 146 13.15 8.21 -0.90
N VAL B 147 12.17 7.94 -0.05
CA VAL B 147 11.07 8.87 0.28
C VAL B 147 10.69 8.80 1.74
N ASP B 148 10.15 9.89 2.28
CA ASP B 148 9.54 9.84 3.59
C ASP B 148 8.26 8.99 3.54
N MET B 149 7.98 8.29 4.64
N MET B 149 7.99 8.21 4.59
CA MET B 149 6.74 7.55 4.81
CA MET B 149 6.70 7.52 4.70
C MET B 149 5.67 8.53 5.32
C MET B 149 5.70 8.57 5.18
N PRO B 150 4.43 8.43 4.81
CA PRO B 150 3.40 9.45 5.10
C PRO B 150 3.04 9.58 6.58
N ASP B 156 -3.34 8.30 1.49
CA ASP B 156 -2.21 9.21 1.69
C ASP B 156 -0.86 8.56 1.37
N ASP B 157 -0.78 7.25 1.58
CA ASP B 157 0.44 6.48 1.28
C ASP B 157 0.48 6.08 -0.18
N THR B 158 1.28 6.80 -0.95
CA THR B 158 1.37 6.63 -2.40
C THR B 158 2.65 5.92 -2.85
N ARG B 159 3.31 5.22 -1.92
CA ARG B 159 4.59 4.57 -2.19
C ARG B 159 4.49 3.25 -2.99
N MET B 160 3.34 2.59 -2.88
CA MET B 160 3.06 1.42 -3.71
C MET B 160 2.93 1.88 -5.17
N PHE B 161 2.33 3.04 -5.38
CA PHE B 161 2.21 3.66 -6.70
C PHE B 161 3.60 4.02 -7.23
N ALA B 162 4.41 4.67 -6.39
CA ALA B 162 5.80 4.95 -6.69
C ALA B 162 6.60 3.73 -7.15
N ASP B 163 6.52 2.59 -6.45
CA ASP B 163 7.19 1.35 -6.90
C ASP B 163 6.62 0.86 -8.23
N THR B 164 5.29 0.89 -8.35
CA THR B 164 4.60 0.42 -9.55
C THR B 164 5.03 1.21 -10.78
N VAL B 165 5.03 2.53 -10.63
CA VAL B 165 5.37 3.43 -11.71
C VAL B 165 6.86 3.28 -12.11
N VAL B 166 7.74 3.05 -11.13
CA VAL B 166 9.17 2.83 -11.46
C VAL B 166 9.27 1.55 -12.27
N LYS B 167 8.59 0.49 -11.85
CA LYS B 167 8.62 -0.78 -12.57
C LYS B 167 8.12 -0.63 -14.02
N LEU B 168 7.00 0.06 -14.19
CA LEU B 168 6.40 0.28 -15.52
C LEU B 168 7.30 1.15 -16.39
N ASN B 169 7.89 2.18 -15.79
CA ASN B 169 8.81 3.07 -16.49
C ASN B 169 10.05 2.37 -17.06
N LEU B 170 10.63 1.49 -16.25
CA LEU B 170 11.77 0.65 -16.67
C LEU B 170 11.40 -0.34 -17.77
N GLN B 171 10.17 -0.85 -17.69
N GLN B 171 10.17 -0.86 -17.71
CA GLN B 171 9.62 -1.69 -18.76
CA GLN B 171 9.67 -1.72 -18.80
C GLN B 171 9.48 -0.91 -20.07
C GLN B 171 9.47 -0.92 -20.09
N LYS B 172 9.03 0.33 -19.98
CA LYS B 172 8.93 1.22 -21.17
C LYS B 172 10.33 1.54 -21.71
N LEU B 173 11.28 1.83 -20.82
CA LEU B 173 12.69 2.02 -21.24
C LEU B 173 13.20 0.79 -22.03
N ALA B 174 12.95 -0.40 -21.51
CA ALA B 174 13.37 -1.64 -22.20
C ALA B 174 12.75 -1.71 -23.58
N THR B 175 11.42 -1.50 -23.65
CA THR B 175 10.71 -1.60 -24.93
C THR B 175 11.25 -0.60 -25.97
N VAL B 176 11.39 0.64 -25.55
CA VAL B 176 11.95 1.72 -26.38
C VAL B 176 13.37 1.41 -26.90
N ALA B 177 14.31 1.12 -25.98
CA ALA B 177 15.69 0.88 -26.34
C ALA B 177 15.85 -0.37 -27.20
N GLU B 178 15.09 -1.42 -26.88
CA GLU B 178 15.12 -2.66 -27.66
C GLU B 178 14.58 -2.48 -29.09
N ALA B 179 13.59 -1.60 -29.25
CA ALA B 179 13.07 -1.24 -30.58
C ALA B 179 14.10 -0.45 -31.35
N MET B 180 14.72 0.52 -30.68
CA MET B 180 15.78 1.34 -31.29
C MET B 180 16.98 0.50 -31.77
N ALA B 181 17.38 -0.48 -30.98
CA ALA B 181 18.50 -1.36 -31.33
C ALA B 181 18.25 -2.21 -32.59
N ARG B 182 17.01 -2.24 -33.06
CA ARG B 182 16.65 -3.00 -34.27
C ARG B 182 16.73 -2.17 -35.56
N ALA C 4 7.04 12.09 19.32
CA ALA C 4 7.54 10.87 19.94
C ALA C 4 8.24 9.98 18.91
N SER C 5 7.78 9.93 17.69
CA SER C 5 8.48 9.24 16.59
C SER C 5 9.30 10.27 15.79
N GLU C 6 9.26 11.52 16.27
CA GLU C 6 9.90 12.67 15.62
C GLU C 6 11.12 13.17 16.39
N LEU C 7 12.29 12.78 15.90
CA LEU C 7 13.55 13.09 16.57
C LEU C 7 13.97 14.53 16.38
N THR C 8 14.58 15.10 17.42
CA THR C 8 15.15 16.43 17.37
C THR C 8 16.41 16.37 16.52
N PRO C 9 16.86 17.52 15.99
CA PRO C 9 18.13 17.55 15.24
C PRO C 9 19.32 17.06 16.09
N GLU C 10 19.27 17.32 17.40
CA GLU C 10 20.30 16.86 18.32
C GLU C 10 20.35 15.32 18.32
N GLU C 11 19.18 14.70 18.41
CA GLU C 11 19.05 13.26 18.42
C GLU C 11 19.51 12.64 17.10
N ARG C 12 19.15 13.29 15.99
CA ARG C 12 19.46 12.78 14.65
C ARG C 12 20.96 12.79 14.35
N SER C 13 21.65 13.85 14.79
CA SER C 13 23.10 13.91 14.68
C SER C 13 23.77 12.82 15.52
N GLU C 14 23.24 12.58 16.72
CA GLU C 14 23.79 11.57 17.62
C GLU C 14 23.57 10.15 17.10
N LEU C 15 22.55 9.96 16.26
CA LEU C 15 22.14 8.63 15.79
C LEU C 15 22.71 8.24 14.42
N LYS C 16 23.33 9.21 13.74
CA LYS C 16 23.83 9.06 12.39
C LYS C 16 24.79 7.87 12.26
N ASN C 17 25.73 7.76 13.21
CA ASN C 17 26.72 6.67 13.15
C ASN C 17 26.08 5.30 13.36
N SER C 18 25.14 5.22 14.28
CA SER C 18 24.38 3.98 14.50
C SER C 18 23.51 3.58 13.30
N ILE C 19 22.86 4.54 12.66
CA ILE C 19 22.11 4.30 11.42
C ILE C 19 23.03 3.72 10.33
N ALA C 20 24.16 4.39 10.09
CA ALA C 20 25.13 3.90 9.12
C ALA C 20 25.58 2.48 9.47
N GLU C 21 25.79 2.19 10.76
CA GLU C 21 26.34 0.91 11.17
C GLU C 21 25.31 -0.23 11.14
N PHE C 22 24.10 0.02 11.65
CA PHE C 22 23.18 -1.09 11.91
C PHE C 22 21.90 -1.10 11.09
N HIS C 23 21.57 0.03 10.47
CA HIS C 23 20.26 0.23 9.85
C HIS C 23 20.36 0.63 8.39
N THR C 24 21.51 0.35 7.78
CA THR C 24 21.75 0.65 6.40
C THR C 24 21.97 -0.66 5.64
N TYR C 25 21.06 -0.97 4.72
CA TYR C 25 21.08 -2.23 4.05
C TYR C 25 21.53 -2.07 2.60
N GLN C 26 22.34 -3.02 2.12
N GLN C 26 22.33 -3.02 2.13
CA GLN C 26 22.64 -3.15 0.70
CA GLN C 26 22.62 -3.19 0.72
C GLN C 26 21.49 -3.98 0.11
C GLN C 26 21.46 -3.99 0.14
N LEU C 27 20.65 -3.33 -0.67
CA LEU C 27 19.43 -3.95 -1.18
C LEU C 27 19.70 -4.87 -2.37
N ASP C 28 19.01 -6.01 -2.36
CA ASP C 28 18.85 -6.81 -3.55
C ASP C 28 17.82 -6.08 -4.40
N PRO C 29 17.98 -6.12 -5.73
CA PRO C 29 16.90 -5.62 -6.58
C PRO C 29 15.58 -6.30 -6.25
N GLY C 30 14.53 -5.49 -6.16
CA GLY C 30 13.22 -5.97 -5.76
C GLY C 30 12.99 -6.02 -4.26
N SER C 31 13.80 -5.29 -3.50
CA SER C 31 13.53 -5.20 -2.07
C SER C 31 13.50 -3.74 -1.62
N CYS C 32 13.07 -3.51 -0.39
CA CYS C 32 13.03 -2.16 0.19
C CYS C 32 13.34 -2.20 1.68
N SER C 33 13.75 -1.05 2.23
CA SER C 33 14.03 -0.97 3.65
C SER C 33 13.35 0.27 4.25
N SER C 34 12.94 0.18 5.51
CA SER C 34 12.36 1.31 6.25
C SER C 34 13.04 1.43 7.57
N LEU C 35 13.04 2.66 8.10
CA LEU C 35 13.58 2.90 9.43
C LEU C 35 12.58 3.67 10.25
N HIS C 36 12.30 3.19 11.46
CA HIS C 36 11.40 3.87 12.40
C HIS C 36 12.13 4.25 13.70
N ALA C 37 11.66 5.32 14.35
CA ALA C 37 12.21 5.75 15.64
C ALA C 37 11.12 5.93 16.67
N GLN C 38 11.46 5.72 17.94
CA GLN C 38 10.55 5.98 19.04
C GLN C 38 11.29 6.53 20.26
N ARG C 39 10.92 7.74 20.70
CA ARG C 39 11.45 8.28 21.94
C ARG C 39 10.72 7.64 23.10
N ILE C 40 11.46 7.25 24.13
CA ILE C 40 10.87 6.65 25.33
C ILE C 40 11.38 7.32 26.61
N HIS C 41 10.45 7.88 27.38
CA HIS C 41 10.81 8.47 28.67
C HIS C 41 11.03 7.43 29.75
N ALA C 42 12.15 6.72 29.61
CA ALA C 42 12.58 5.67 30.53
C ALA C 42 14.08 5.45 30.36
N PRO C 43 14.76 4.92 31.37
CA PRO C 43 16.20 4.62 31.21
C PRO C 43 16.45 3.50 30.17
N PRO C 44 17.53 3.61 29.38
CA PRO C 44 17.77 2.70 28.25
C PRO C 44 18.08 1.27 28.66
N GLU C 45 18.60 1.08 29.87
CA GLU C 45 18.80 -0.28 30.39
C GLU C 45 17.48 -1.01 30.59
N LEU C 46 16.46 -0.27 31.02
CA LEU C 46 15.12 -0.84 31.18
C LEU C 46 14.50 -1.21 29.83
N VAL C 47 14.63 -0.31 28.85
CA VAL C 47 14.09 -0.53 27.51
C VAL C 47 14.78 -1.73 26.87
N TRP C 48 16.11 -1.75 26.95
CA TRP C 48 16.91 -2.87 26.46
C TRP C 48 16.53 -4.19 27.11
N SER C 49 16.30 -4.19 28.42
CA SER C 49 15.88 -5.41 29.13
C SER C 49 14.60 -6.03 28.55
N ILE C 50 13.74 -5.19 27.98
CA ILE C 50 12.51 -5.67 27.33
C ILE C 50 12.82 -6.14 25.90
N VAL C 51 13.53 -5.28 25.17
CA VAL C 51 13.85 -5.47 23.75
C VAL C 51 14.68 -6.73 23.47
N ARG C 52 15.61 -7.01 24.37
CA ARG C 52 16.56 -8.09 24.21
C ARG C 52 15.94 -9.48 24.35
N ARG C 53 14.74 -9.56 24.91
CA ARG C 53 14.13 -10.85 25.24
C ARG C 53 13.52 -11.54 24.02
N PHE C 54 14.36 -12.29 23.30
CA PHE C 54 13.98 -12.97 22.05
C PHE C 54 12.78 -13.92 22.24
N ASP C 55 12.67 -14.46 23.46
CA ASP C 55 11.62 -15.42 23.78
C ASP C 55 10.29 -14.77 24.11
N LYS C 56 10.32 -13.47 24.40
CA LYS C 56 9.11 -12.77 24.80
C LYS C 56 8.78 -11.56 23.94
N PRO C 57 8.60 -11.74 22.62
CA PRO C 57 8.21 -10.60 21.80
C PRO C 57 6.80 -10.02 22.14
N GLN C 58 5.92 -10.83 22.75
CA GLN C 58 4.53 -10.38 23.03
C GLN C 58 4.46 -9.24 24.01
N THR C 59 5.51 -9.07 24.82
CA THR C 59 5.60 -7.98 25.78
C THR C 59 5.42 -6.62 25.09
N TYR C 60 6.00 -6.48 23.90
CA TYR C 60 5.94 -5.19 23.20
C TYR C 60 5.22 -5.22 21.84
N LYS C 61 5.10 -6.40 21.23
CA LYS C 61 4.52 -6.51 19.89
C LYS C 61 3.05 -6.94 19.90
N HIS C 62 2.28 -6.39 18.96
CA HIS C 62 0.87 -6.69 18.84
C HIS C 62 0.65 -7.93 17.97
N PHE C 63 -0.51 -8.56 18.16
CA PHE C 63 -1.02 -9.63 17.30
C PHE C 63 -0.34 -10.99 17.54
N ILE C 64 0.34 -11.13 18.69
CA ILE C 64 0.98 -12.40 19.03
C ILE C 64 0.19 -13.24 20.04
N LYS C 65 -0.21 -14.42 19.59
CA LYS C 65 -0.90 -15.39 20.44
C LYS C 65 0.07 -16.01 21.43
N SER C 66 1.23 -16.46 20.92
CA SER C 66 2.24 -17.14 21.73
C SER C 66 3.62 -17.10 21.06
N CYS C 67 4.65 -17.38 21.84
CA CYS C 67 5.99 -17.53 21.33
C CYS C 67 6.62 -18.75 22.00
N SER C 68 7.10 -19.69 21.19
CA SER C 68 7.82 -20.84 21.73
C SER C 68 9.26 -20.85 21.25
N VAL C 69 10.16 -21.15 22.19
CA VAL C 69 11.59 -21.31 21.93
C VAL C 69 12.04 -22.69 22.41
N GLN C 71 13.33 -24.13 24.95
CA GLN C 71 13.06 -24.85 26.18
C GLN C 71 14.32 -24.96 27.04
N ASN C 72 14.19 -24.56 28.30
CA ASN C 72 15.33 -24.21 29.15
C ASN C 72 16.29 -23.28 28.39
N PHE C 73 15.69 -22.21 27.85
CA PHE C 73 16.27 -21.34 26.82
C PHE C 73 17.72 -20.89 27.08
N MET C 75 20.01 -17.74 25.65
CA MET C 75 19.77 -16.93 24.45
C MET C 75 21.06 -16.66 23.69
N ARG C 76 21.09 -17.05 22.41
CA ARG C 76 22.30 -17.03 21.59
C ARG C 76 22.00 -16.73 20.14
N VAL C 77 22.95 -16.12 19.43
CA VAL C 77 22.87 -15.93 17.99
C VAL C 77 22.67 -17.28 17.29
N GLY C 78 21.65 -17.37 16.46
CA GLY C 78 21.32 -18.63 15.81
C GLY C 78 20.17 -19.39 16.44
N CYS C 79 19.81 -19.03 17.68
CA CYS C 79 18.57 -19.52 18.30
C CYS C 79 17.35 -19.20 17.41
N THR C 80 16.33 -20.06 17.46
CA THR C 80 15.10 -19.77 16.73
C THR C 80 13.88 -19.67 17.66
N ARG C 81 12.86 -18.95 17.21
CA ARG C 81 11.57 -18.92 17.88
C ARG C 81 10.44 -19.15 16.87
N ASP C 82 9.33 -19.70 17.34
CA ASP C 82 8.10 -19.79 16.57
C ASP C 82 7.13 -18.77 17.17
N VAL C 83 6.69 -17.84 16.33
CA VAL C 83 5.75 -16.81 16.78
C VAL C 83 4.41 -17.08 16.09
N ILE C 84 3.40 -17.37 16.89
CA ILE C 84 2.06 -17.59 16.35
C ILE C 84 1.31 -16.26 16.32
N VAL C 85 1.03 -15.83 15.16
CA VAL C 85 0.39 -14.63 15.16
C VAL C 85 -1.00 -14.69 14.79
N ILE C 86 -1.79 -13.77 15.30
CA ILE C 86 -3.23 -13.78 15.03
C ILE C 86 -3.72 -12.57 14.27
N SER C 87 -2.87 -12.05 13.42
CA SER C 87 -3.24 -11.03 12.51
C SER C 87 -3.78 -11.67 11.30
N GLY C 88 -3.57 -12.97 11.16
CA GLY C 88 -4.21 -13.83 10.17
C GLY C 88 -5.21 -14.67 10.91
N LEU C 89 -6.41 -14.87 10.37
CA LEU C 89 -7.40 -15.37 11.24
C LEU C 89 -7.39 -16.90 11.37
N PRO C 90 -6.96 -17.59 10.33
CA PRO C 90 -6.42 -18.94 10.53
C PRO C 90 -4.98 -18.80 11.05
N ALA C 91 -4.81 -18.64 12.36
CA ALA C 91 -3.51 -18.27 12.94
C ALA C 91 -2.28 -18.71 12.27
N ASN C 92 -1.25 -17.88 12.05
CA ASN C 92 -0.13 -18.27 11.25
C ASN C 92 1.07 -18.43 12.17
N THR C 93 1.99 -19.29 11.79
CA THR C 93 3.22 -19.45 12.50
C THR C 93 4.37 -18.91 11.69
N SER C 94 5.32 -18.32 12.36
CA SER C 94 6.46 -17.76 11.71
C SER C 94 7.69 -18.34 12.41
N THR C 95 8.69 -18.78 11.66
CA THR C 95 9.93 -19.17 12.30
C THR C 95 10.98 -18.10 12.06
N GLU C 96 11.54 -17.61 13.17
CA GLU C 96 12.46 -16.47 13.20
C GLU C 96 13.76 -16.83 13.90
N ARG C 97 14.87 -16.34 13.36
CA ARG C 97 16.18 -16.62 13.89
C ARG C 97 16.81 -15.35 14.46
N LEU C 98 17.41 -15.48 15.64
CA LEU C 98 18.21 -14.42 16.26
C LEU C 98 19.50 -14.23 15.48
N ASP C 99 19.62 -13.11 14.77
CA ASP C 99 20.81 -12.78 13.97
C ASP C 99 21.92 -12.07 14.76
N ILE C 100 21.52 -11.19 15.68
CA ILE C 100 22.43 -10.30 16.38
C ILE C 100 21.95 -10.17 17.81
N LEU C 101 22.90 -10.19 18.76
CA LEU C 101 22.62 -9.86 20.17
C LEU C 101 23.87 -9.31 20.87
N ASP C 102 23.91 -7.99 21.06
CA ASP C 102 25.07 -7.38 21.69
C ASP C 102 24.59 -6.61 22.90
N ASP C 103 24.80 -7.18 24.09
CA ASP C 103 24.30 -6.56 25.31
C ASP C 103 25.07 -5.31 25.67
N GLU C 104 26.32 -5.23 25.25
CA GLU C 104 27.10 -4.05 25.61
C GLU C 104 26.75 -2.85 24.74
N ARG C 105 26.41 -3.10 23.49
CA ARG C 105 26.02 -1.99 22.60
C ARG C 105 24.51 -1.89 22.33
N ARG C 106 23.73 -2.82 22.90
CA ARG C 106 22.26 -2.80 22.86
C ARG C 106 21.75 -2.87 21.43
N VAL C 107 22.14 -3.96 20.76
CA VAL C 107 21.72 -4.22 19.40
C VAL C 107 21.19 -5.63 19.34
N THR C 108 20.00 -5.78 18.79
CA THR C 108 19.48 -7.10 18.46
C THR C 108 18.80 -7.07 17.09
N GLY C 109 18.66 -8.23 16.46
CA GLY C 109 17.92 -8.33 15.21
C GLY C 109 17.58 -9.78 14.95
N PHE C 110 16.65 -9.99 14.03
CA PHE C 110 16.16 -11.33 13.68
C PHE C 110 15.79 -11.37 12.21
N SER C 111 15.72 -12.58 11.65
CA SER C 111 15.20 -12.78 10.29
C SER C 111 14.03 -13.77 10.32
N ILE C 112 13.07 -13.60 9.41
CA ILE C 112 12.01 -14.61 9.25
C ILE C 112 12.57 -15.64 8.28
N ILE C 113 12.70 -16.88 8.76
CA ILE C 113 13.36 -17.92 7.98
C ILE C 113 12.40 -19.02 7.51
N GLY C 114 11.18 -19.03 8.02
CA GLY C 114 10.20 -20.04 7.62
C GLY C 114 8.80 -19.66 8.00
N GLY C 115 7.83 -20.44 7.52
CA GLY C 115 6.42 -20.19 7.81
C GLY C 115 5.69 -19.31 6.80
N GLU C 116 4.58 -18.72 7.23
CA GLU C 116 3.66 -18.02 6.31
C GLU C 116 4.25 -16.84 5.54
N HIS C 117 5.11 -16.06 6.20
CA HIS C 117 5.76 -14.90 5.58
C HIS C 117 7.18 -15.21 5.09
N ARG C 118 7.42 -16.48 4.76
CA ARG C 118 8.72 -16.97 4.30
C ARG C 118 9.24 -16.17 3.11
N LEU C 119 8.40 -16.00 2.09
CA LEU C 119 8.78 -15.39 0.83
C LEU C 119 9.13 -13.90 0.96
N THR C 120 8.87 -13.33 2.13
CA THR C 120 9.22 -11.94 2.35
C THR C 120 10.73 -11.68 2.50
N ASN C 121 11.52 -12.70 2.87
CA ASN C 121 12.93 -12.49 3.29
C ASN C 121 13.08 -11.28 4.26
N TYR C 122 12.13 -11.16 5.19
CA TYR C 122 12.14 -10.10 6.21
C TYR C 122 13.34 -10.20 7.13
N LYS C 123 14.02 -9.08 7.32
CA LYS C 123 15.11 -9.04 8.28
C LYS C 123 15.08 -7.68 8.97
N SER C 124 15.23 -7.68 10.30
CA SER C 124 15.01 -6.49 11.10
C SER C 124 16.12 -6.31 12.13
N VAL C 125 16.40 -5.06 12.46
CA VAL C 125 17.39 -4.76 13.51
C VAL C 125 16.81 -3.68 14.41
N THR C 126 17.02 -3.85 15.73
CA THR C 126 16.59 -2.87 16.72
C THR C 126 17.78 -2.42 17.57
N THR C 127 17.92 -1.11 17.76
CA THR C 127 19.01 -0.60 18.61
C THR C 127 18.41 0.34 19.65
N VAL C 128 19.06 0.42 20.80
CA VAL C 128 18.55 1.21 21.91
C VAL C 128 19.63 2.22 22.26
N HIS C 129 19.23 3.46 22.51
CA HIS C 129 20.17 4.58 22.61
C HIS C 129 19.84 5.46 23.80
N ARG C 130 20.90 5.81 24.55
CA ARG C 130 20.80 6.63 25.74
C ARG C 130 21.02 8.10 25.38
N PHE C 131 20.11 8.94 25.87
CA PHE C 131 20.28 10.38 25.78
C PHE C 131 20.24 10.99 27.16
N GLU C 132 21.04 12.04 27.35
CA GLU C 132 21.08 12.75 28.62
C GLU C 132 21.26 14.23 28.34
N LYS C 133 20.37 15.04 28.90
CA LYS C 133 20.45 16.48 28.82
C LYS C 133 20.02 17.06 30.16
N GLU C 134 20.94 17.80 30.78
CA GLU C 134 20.70 18.50 32.04
C GLU C 134 20.04 17.63 33.12
N ASN C 135 20.73 16.56 33.52
CA ASN C 135 20.24 15.59 34.52
C ASN C 135 19.00 14.75 34.12
N ARG C 136 18.49 14.98 32.91
CA ARG C 136 17.37 14.17 32.42
C ARG C 136 17.88 13.09 31.50
N ILE C 137 17.45 11.86 31.75
CA ILE C 137 17.83 10.71 30.91
C ILE C 137 16.63 10.10 30.20
N TRP C 138 16.78 9.86 28.90
CA TRP C 138 15.74 9.19 28.13
C TRP C 138 16.33 8.30 27.03
N THR C 139 15.43 7.65 26.29
CA THR C 139 15.81 6.61 25.36
C THR C 139 15.26 6.90 23.97
N VAL C 140 16.03 6.57 22.94
CA VAL C 140 15.48 6.44 21.61
C VAL C 140 15.68 5.01 21.10
N VAL C 141 14.61 4.39 20.62
CA VAL C 141 14.72 3.12 19.91
C VAL C 141 14.67 3.35 18.42
N LEU C 142 15.57 2.67 17.70
CA LEU C 142 15.53 2.61 16.25
C LEU C 142 15.25 1.18 15.83
N GLU C 143 14.33 1.03 14.88
CA GLU C 143 14.02 -0.27 14.30
C GLU C 143 13.89 -0.13 12.78
N SER C 144 14.66 -0.94 12.06
CA SER C 144 14.66 -0.91 10.60
C SER C 144 14.35 -2.31 10.11
N TYR C 145 13.89 -2.45 8.87
CA TYR C 145 13.80 -3.78 8.28
C TYR C 145 14.08 -3.70 6.81
N VAL C 146 14.35 -4.85 6.22
CA VAL C 146 14.44 -5.00 4.77
C VAL C 146 13.48 -6.14 4.43
N VAL C 147 12.73 -5.98 3.35
CA VAL C 147 11.78 -7.01 2.90
C VAL C 147 11.73 -7.04 1.39
N ASP C 148 11.48 -8.19 0.80
CA ASP C 148 11.27 -8.26 -0.64
C ASP C 148 9.99 -7.58 -0.99
N MET C 149 9.94 -6.98 -2.16
CA MET C 149 8.76 -6.26 -2.66
C MET C 149 7.90 -7.26 -3.37
N PRO C 150 6.65 -6.95 -3.58
CA PRO C 150 5.71 -7.99 -3.89
C PRO C 150 5.69 -8.36 -5.33
N GLU C 151 5.70 -9.64 -5.63
CA GLU C 151 5.58 -10.12 -7.01
C GLU C 151 4.33 -11.00 -7.08
N GLY C 152 3.27 -10.48 -7.65
CA GLY C 152 1.98 -11.09 -7.50
C GLY C 152 1.31 -10.62 -6.22
N GLU C 155 -0.96 -7.68 -5.85
CA GLU C 155 -2.25 -8.24 -5.42
C GLU C 155 -2.38 -8.30 -3.90
N ASP C 156 -1.29 -8.61 -3.21
CA ASP C 156 -1.25 -8.58 -1.74
C ASP C 156 0.12 -8.20 -1.21
N ASP C 157 0.43 -6.91 -1.31
CA ASP C 157 1.63 -6.32 -0.74
C ASP C 157 1.31 -5.92 0.69
N THR C 158 2.14 -6.40 1.62
CA THR C 158 1.93 -6.17 3.05
C THR C 158 2.98 -5.26 3.74
N ARG C 159 3.72 -4.47 2.95
CA ARG C 159 4.73 -3.50 3.42
C ARG C 159 4.11 -2.31 4.16
N MET C 160 2.94 -1.88 3.73
CA MET C 160 2.19 -0.86 4.44
C MET C 160 1.85 -1.38 5.83
N PHE C 161 1.37 -2.63 5.89
CA PHE C 161 1.03 -3.28 7.15
C PHE C 161 2.28 -3.50 8.01
N ALA C 162 3.37 -3.91 7.39
CA ALA C 162 4.66 -4.05 8.09
C ALA C 162 5.11 -2.77 8.77
N ASP C 163 5.03 -1.63 8.07
CA ASP C 163 5.35 -0.32 8.67
C ASP C 163 4.40 0.06 9.79
N THR C 164 3.10 -0.17 9.58
CA THR C 164 2.09 0.20 10.59
C THR C 164 2.33 -0.54 11.91
N VAL C 165 2.58 -1.83 11.79
CA VAL C 165 2.81 -2.72 12.92
C VAL C 165 4.10 -2.38 13.68
N VAL C 166 5.18 -2.02 12.96
CA VAL C 166 6.43 -1.58 13.64
C VAL C 166 6.13 -0.34 14.47
N LYS C 167 5.48 0.63 13.85
CA LYS C 167 5.12 1.87 14.53
C LYS C 167 4.32 1.62 15.81
N LEU C 168 3.27 0.81 15.69
CA LEU C 168 2.37 0.47 16.79
C LEU C 168 3.09 -0.32 17.90
N ASN C 169 3.90 -1.29 17.50
CA ASN C 169 4.76 -2.06 18.39
C ASN C 169 5.72 -1.21 19.21
N LEU C 170 6.35 -0.25 18.56
CA LEU C 170 7.25 0.68 19.24
C LEU C 170 6.47 1.58 20.21
N GLN C 171 5.25 1.95 19.82
CA GLN C 171 4.35 2.69 20.73
C GLN C 171 3.97 1.90 21.97
N LYS C 172 3.74 0.61 21.82
CA LYS C 172 3.48 -0.26 22.95
C LYS C 172 4.71 -0.38 23.84
N LEU C 173 5.89 -0.46 23.21
CA LEU C 173 7.17 -0.55 23.92
C LEU C 173 7.35 0.67 24.80
N ALA C 174 7.06 1.86 24.25
CA ALA C 174 7.18 3.08 25.02
C ALA C 174 6.24 3.05 26.23
N THR C 175 4.98 2.66 25.99
CA THR C 175 3.96 2.57 27.04
C THR C 175 4.39 1.62 28.16
N VAL C 176 4.77 0.39 27.78
CA VAL C 176 5.20 -0.62 28.73
C VAL C 176 6.40 -0.16 29.55
N ALA C 177 7.42 0.37 28.87
CA ALA C 177 8.65 0.80 29.53
C ALA C 177 8.41 2.00 30.45
N GLU C 178 7.56 2.93 30.01
CA GLU C 178 7.32 4.13 30.80
C GLU C 178 6.51 3.82 32.06
N ALA C 179 5.58 2.87 31.95
CA ALA C 179 4.81 2.37 33.10
C ALA C 179 5.69 1.57 34.07
N MET C 180 6.72 0.90 33.55
CA MET C 180 7.66 0.19 34.42
C MET C 180 8.52 1.15 35.22
N ALA C 181 9.08 2.15 34.53
CA ALA C 181 9.91 3.19 35.15
C ALA C 181 9.19 3.91 36.29
N MET D 3 -3.02 1.69 32.32
CA MET D 3 -3.89 2.49 33.24
C MET D 3 -4.98 3.26 32.49
N ALA D 4 -4.68 3.67 31.26
CA ALA D 4 -5.66 4.31 30.38
C ALA D 4 -6.80 3.35 30.03
N SER D 5 -6.50 2.05 29.98
CA SER D 5 -7.48 1.02 29.64
C SER D 5 -8.06 0.30 30.87
N GLU D 6 -7.72 0.78 32.07
CA GLU D 6 -8.22 0.16 33.30
C GLU D 6 -8.96 1.19 34.17
N LEU D 7 -10.26 0.97 34.35
CA LEU D 7 -11.10 1.87 35.13
C LEU D 7 -10.69 1.95 36.60
N THR D 8 -10.80 3.15 37.18
CA THR D 8 -10.69 3.29 38.63
C THR D 8 -11.97 2.74 39.25
N PRO D 9 -11.93 2.40 40.56
CA PRO D 9 -13.12 1.98 41.27
C PRO D 9 -14.27 3.00 41.16
N GLU D 10 -13.93 4.29 41.28
CA GLU D 10 -14.91 5.36 41.13
C GLU D 10 -15.52 5.37 39.73
N GLU D 11 -14.70 5.10 38.71
CA GLU D 11 -15.21 5.02 37.33
C GLU D 11 -16.13 3.81 37.13
N ARG D 12 -15.73 2.64 37.62
CA ARG D 12 -16.57 1.46 37.42
C ARG D 12 -17.87 1.46 38.24
N SER D 13 -17.88 2.16 39.37
CA SER D 13 -19.11 2.35 40.17
C SER D 13 -20.12 3.22 39.42
N GLU D 14 -19.66 4.35 38.90
CA GLU D 14 -20.48 5.29 38.13
C GLU D 14 -21.03 4.67 36.84
N LEU D 15 -20.28 3.72 36.27
CA LEU D 15 -20.56 3.13 34.96
C LEU D 15 -21.37 1.82 34.99
N LYS D 16 -21.65 1.31 36.20
CA LYS D 16 -22.41 0.07 36.38
C LYS D 16 -23.67 -0.04 35.51
N ASN D 17 -24.49 0.99 35.54
CA ASN D 17 -25.78 0.96 34.86
C ASN D 17 -25.60 0.95 33.33
N SER D 18 -24.66 1.75 32.83
CA SER D 18 -24.29 1.78 31.42
C SER D 18 -23.83 0.40 30.98
N ILE D 19 -22.94 -0.20 31.77
CA ILE D 19 -22.43 -1.54 31.47
C ILE D 19 -23.57 -2.57 31.41
N ALA D 20 -24.50 -2.49 32.37
CA ALA D 20 -25.67 -3.38 32.36
C ALA D 20 -26.60 -3.15 31.16
N GLU D 21 -26.76 -1.89 30.75
CA GLU D 21 -27.70 -1.55 29.68
C GLU D 21 -27.17 -1.82 28.27
N PHE D 22 -25.89 -1.52 28.05
CA PHE D 22 -25.32 -1.60 26.71
C PHE D 22 -24.21 -2.62 26.49
N HIS D 23 -23.57 -3.08 27.56
CA HIS D 23 -22.38 -3.89 27.38
C HIS D 23 -22.41 -5.24 28.08
N THR D 24 -23.61 -5.75 28.36
CA THR D 24 -23.80 -7.02 29.05
C THR D 24 -24.59 -7.98 28.16
N TYR D 25 -24.02 -9.15 27.87
CA TYR D 25 -24.58 -10.07 26.89
C TYR D 25 -24.89 -11.46 27.48
N GLN D 26 -26.05 -12.02 27.12
CA GLN D 26 -26.33 -13.42 27.45
C GLN D 26 -26.02 -14.27 26.21
N LEU D 27 -24.85 -14.92 26.23
CA LEU D 27 -24.30 -15.54 25.02
C LEU D 27 -24.95 -16.84 24.62
N ASP D 28 -25.16 -16.98 23.31
CA ASP D 28 -25.51 -18.25 22.72
C ASP D 28 -24.23 -19.06 22.57
N PRO D 29 -24.34 -20.41 22.47
CA PRO D 29 -23.17 -21.19 22.09
C PRO D 29 -22.63 -20.76 20.72
N GLY D 30 -21.31 -20.81 20.55
CA GLY D 30 -20.68 -20.41 19.30
C GLY D 30 -20.50 -18.90 19.16
N SER D 31 -20.77 -18.15 20.24
CA SER D 31 -20.58 -16.70 20.25
C SER D 31 -19.73 -16.21 21.42
N CYS D 32 -18.96 -15.14 21.18
CA CYS D 32 -18.13 -14.54 22.22
C CYS D 32 -18.27 -13.03 22.28
N SER D 33 -18.04 -12.48 23.47
CA SER D 33 -18.07 -11.04 23.65
C SER D 33 -16.91 -10.58 24.53
N SER D 34 -16.63 -9.28 24.44
CA SER D 34 -15.74 -8.65 25.39
C SER D 34 -15.97 -7.15 25.42
N LEU D 35 -15.56 -6.52 26.51
CA LEU D 35 -15.75 -5.11 26.77
C LEU D 35 -14.38 -4.48 26.98
N HIS D 36 -14.18 -3.30 26.40
CA HIS D 36 -12.96 -2.51 26.57
C HIS D 36 -13.28 -1.11 27.03
N ALA D 37 -12.42 -0.56 27.89
CA ALA D 37 -12.55 0.81 28.35
C ALA D 37 -11.33 1.63 27.94
N GLN D 38 -11.52 2.94 27.80
CA GLN D 38 -10.45 3.84 27.40
C GLN D 38 -10.71 5.20 28.01
N ARG D 39 -9.82 5.63 28.92
CA ARG D 39 -9.87 6.98 29.47
C ARG D 39 -9.28 7.97 28.48
N ILE D 40 -9.93 9.12 28.37
CA ILE D 40 -9.49 10.15 27.43
C ILE D 40 -9.51 11.48 28.18
N HIS D 41 -8.37 12.18 28.15
CA HIS D 41 -8.28 13.50 28.74
C HIS D 41 -8.69 14.57 27.73
N ALA D 42 -9.99 14.61 27.48
CA ALA D 42 -10.62 15.54 26.54
C ALA D 42 -12.10 15.63 26.89
N PRO D 43 -12.77 16.72 26.47
CA PRO D 43 -14.20 16.85 26.77
C PRO D 43 -15.03 15.77 26.07
N PRO D 44 -16.04 15.20 26.77
CA PRO D 44 -16.90 14.16 26.16
C PRO D 44 -17.61 14.62 24.90
N GLU D 45 -18.01 15.89 24.85
CA GLU D 45 -18.67 16.39 23.64
C GLU D 45 -17.72 16.34 22.43
N LEU D 46 -16.43 16.54 22.65
CA LEU D 46 -15.45 16.44 21.57
C LEU D 46 -15.25 14.98 21.11
N VAL D 47 -15.11 14.09 22.08
CA VAL D 47 -14.93 12.67 21.82
C VAL D 47 -16.14 12.13 21.05
N TRP D 48 -17.35 12.47 21.52
CA TRP D 48 -18.58 12.06 20.87
C TRP D 48 -18.70 12.58 19.42
N SER D 49 -18.28 13.83 19.19
CA SER D 49 -18.28 14.41 17.83
C SER D 49 -17.42 13.60 16.82
N ILE D 50 -16.40 12.89 17.32
CA ILE D 50 -15.56 12.02 16.49
C ILE D 50 -16.19 10.64 16.28
N VAL D 51 -16.58 10.06 17.41
CA VAL D 51 -17.21 8.73 17.52
C VAL D 51 -18.51 8.57 16.75
N ARG D 52 -19.29 9.64 16.66
CA ARG D 52 -20.60 9.58 16.04
C ARG D 52 -20.50 9.64 14.51
N ARG D 53 -19.33 10.03 13.99
CA ARG D 53 -19.17 10.19 12.54
C ARG D 53 -19.09 8.83 11.87
N PHE D 54 -20.26 8.26 11.60
CA PHE D 54 -20.36 6.92 11.01
C PHE D 54 -19.69 6.85 9.63
N ASP D 55 -19.67 7.97 8.90
CA ASP D 55 -19.07 8.01 7.56
C ASP D 55 -17.54 8.20 7.55
N LYS D 56 -16.95 8.50 8.72
CA LYS D 56 -15.50 8.68 8.82
C LYS D 56 -14.83 7.86 9.93
N PRO D 57 -14.89 6.52 9.86
CA PRO D 57 -14.21 5.73 10.89
C PRO D 57 -12.68 5.85 10.84
N GLN D 58 -12.12 6.23 9.68
CA GLN D 58 -10.67 6.37 9.49
C GLN D 58 -10.08 7.46 10.39
N THR D 59 -10.93 8.36 10.86
CA THR D 59 -10.47 9.46 11.69
C THR D 59 -9.99 8.96 13.07
N TYR D 60 -10.55 7.85 13.55
CA TYR D 60 -10.14 7.26 14.85
C TYR D 60 -9.76 5.77 14.82
N LYS D 61 -9.84 5.12 13.65
CA LYS D 61 -9.49 3.70 13.52
C LYS D 61 -8.25 3.50 12.68
N HIS D 62 -7.37 2.58 13.11
CA HIS D 62 -6.22 2.17 12.31
C HIS D 62 -6.68 1.26 11.17
N PHE D 63 -5.79 0.97 10.23
CA PHE D 63 -6.03 -0.10 9.25
C PHE D 63 -7.05 0.22 8.16
N ILE D 64 -7.67 1.38 8.20
CA ILE D 64 -8.65 1.74 7.17
C ILE D 64 -8.02 2.53 6.01
N LYS D 65 -8.04 1.93 4.82
CA LYS D 65 -7.55 2.59 3.60
C LYS D 65 -8.49 3.72 3.20
N SER D 66 -9.80 3.42 3.20
CA SER D 66 -10.84 4.40 2.85
C SER D 66 -12.22 3.91 3.28
N CYS D 67 -13.20 4.83 3.25
CA CYS D 67 -14.59 4.52 3.55
C CYS D 67 -15.53 5.30 2.63
N SER D 68 -16.52 4.61 2.08
CA SER D 68 -17.53 5.29 1.27
C SER D 68 -18.93 5.00 1.78
N VAL D 69 -19.80 6.00 1.61
CA VAL D 69 -21.20 5.91 1.97
C VAL D 69 -21.98 6.33 0.73
N GLU D 70 -23.32 6.24 0.80
CA GLU D 70 -24.18 6.69 -0.28
C GLU D 70 -23.96 8.16 -0.63
N GLN D 71 -24.23 8.52 -1.89
CA GLN D 71 -24.34 9.94 -2.28
C GLN D 71 -25.51 10.58 -1.51
N ASN D 72 -25.41 11.90 -1.29
CA ASN D 72 -26.35 12.65 -0.43
C ASN D 72 -26.56 11.94 0.91
N PHE D 73 -25.45 11.71 1.59
CA PHE D 73 -25.45 10.90 2.81
C PHE D 73 -26.19 11.63 3.92
N GLU D 74 -27.21 10.96 4.44
CA GLU D 74 -27.85 11.36 5.69
C GLU D 74 -27.61 10.27 6.72
N MET D 75 -27.01 10.63 7.84
CA MET D 75 -26.68 9.66 8.85
C MET D 75 -27.90 9.32 9.67
N ARG D 76 -28.45 8.13 9.41
CA ARG D 76 -29.61 7.63 10.14
C ARG D 76 -29.43 6.15 10.34
N VAL D 77 -29.94 5.59 11.44
CA VAL D 77 -29.74 4.14 11.66
C VAL D 77 -30.26 3.33 10.46
N GLY D 78 -29.52 2.31 10.09
CA GLY D 78 -29.85 1.53 8.92
C GLY D 78 -28.98 1.92 7.73
N CYS D 79 -28.31 3.07 7.79
CA CYS D 79 -27.39 3.45 6.71
C CYS D 79 -26.15 2.56 6.77
N THR D 80 -25.52 2.36 5.62
CA THR D 80 -24.39 1.46 5.53
C THR D 80 -23.15 2.21 5.09
N ARG D 81 -21.99 1.63 5.37
CA ARG D 81 -20.72 2.13 4.84
C ARG D 81 -19.93 0.94 4.31
N ASP D 82 -19.10 1.20 3.30
CA ASP D 82 -18.20 0.18 2.77
C ASP D 82 -16.76 0.52 3.16
N VAL D 83 -16.22 -0.26 4.09
CA VAL D 83 -14.89 0.01 4.65
C VAL D 83 -13.85 -0.73 3.84
N ILE D 84 -12.78 -0.02 3.46
CA ILE D 84 -11.67 -0.63 2.75
C ILE D 84 -10.46 -0.69 3.71
N VAL D 85 -9.95 -1.87 3.93
CA VAL D 85 -8.83 -2.09 4.80
C VAL D 85 -7.48 -2.25 4.02
N ILE D 86 -6.36 -2.14 4.69
CA ILE D 86 -5.08 -2.27 4.04
C ILE D 86 -4.78 -3.76 4.00
N SER D 87 -3.94 -4.19 3.07
CA SER D 87 -3.53 -5.60 2.97
C SER D 87 -2.70 -6.12 4.14
N GLY D 88 -2.74 -7.42 4.36
CA GLY D 88 -2.06 -8.05 5.50
C GLY D 88 -3.02 -8.55 6.58
N LEU D 89 -4.31 -8.27 6.41
CA LEU D 89 -5.28 -8.62 7.44
C LEU D 89 -6.25 -9.71 6.97
N PRO D 90 -7.05 -10.30 7.91
CA PRO D 90 -7.94 -11.42 7.55
C PRO D 90 -9.02 -11.06 6.52
N ALA D 91 -9.19 -9.76 6.30
CA ALA D 91 -10.21 -9.23 5.39
C ALA D 91 -9.68 -7.96 4.75
N ASN D 92 -10.07 -7.71 3.50
CA ASN D 92 -9.79 -6.42 2.85
C ASN D 92 -11.00 -5.48 2.67
N THR D 93 -12.23 -5.97 2.89
CA THR D 93 -13.40 -5.09 2.90
C THR D 93 -14.40 -5.45 3.98
N SER D 94 -15.19 -4.46 4.38
CA SER D 94 -16.28 -4.68 5.31
C SER D 94 -17.43 -3.73 5.00
N THR D 95 -18.63 -4.29 4.92
CA THR D 95 -19.85 -3.50 4.78
C THR D 95 -20.54 -3.51 6.12
N GLU D 96 -20.78 -2.32 6.65
CA GLU D 96 -21.25 -2.17 8.01
C GLU D 96 -22.54 -1.35 8.07
N ARG D 97 -23.41 -1.70 9.01
CA ARG D 97 -24.70 -1.03 9.19
C ARG D 97 -24.78 -0.30 10.53
N LEU D 98 -25.17 0.96 10.50
CA LEU D 98 -25.40 1.74 11.72
C LEU D 98 -26.64 1.19 12.46
N ASP D 99 -26.43 0.69 13.68
CA ASP D 99 -27.50 0.11 14.49
C ASP D 99 -28.14 1.11 15.45
N ILE D 100 -27.33 1.99 16.03
CA ILE D 100 -27.80 2.91 17.06
C ILE D 100 -27.09 4.23 16.84
N LEU D 101 -27.82 5.34 16.90
CA LEU D 101 -27.20 6.66 16.97
C LEU D 101 -28.00 7.57 17.89
N ASP D 102 -27.55 7.70 19.12
CA ASP D 102 -28.27 8.48 20.12
C ASP D 102 -27.40 9.64 20.58
N ASP D 103 -27.65 10.82 20.01
CA ASP D 103 -26.86 11.99 20.32
C ASP D 103 -27.08 12.51 21.74
N GLU D 104 -28.25 12.23 22.30
CA GLU D 104 -28.57 12.70 23.67
C GLU D 104 -27.80 11.88 24.71
N ARG D 105 -27.77 10.56 24.52
CA ARG D 105 -27.15 9.68 25.49
C ARG D 105 -25.74 9.24 25.09
N ARG D 106 -25.30 9.65 23.91
CA ARG D 106 -23.96 9.35 23.35
C ARG D 106 -23.69 7.86 23.24
N VAL D 107 -24.53 7.19 22.46
CA VAL D 107 -24.39 5.77 22.15
C VAL D 107 -24.42 5.57 20.65
N THR D 108 -23.41 4.89 20.09
CA THR D 108 -23.53 4.28 18.76
C THR D 108 -23.23 2.81 18.80
N GLY D 109 -23.42 2.18 17.65
CA GLY D 109 -23.12 0.78 17.45
C GLY D 109 -23.34 0.44 16.00
N PHE D 110 -22.63 -0.59 15.52
CA PHE D 110 -22.80 -1.05 14.16
C PHE D 110 -22.71 -2.57 14.10
N SER D 111 -23.16 -3.13 12.97
CA SER D 111 -23.07 -4.55 12.71
C SER D 111 -22.39 -4.77 11.38
N ILE D 112 -21.52 -5.77 11.31
CA ILE D 112 -20.91 -6.13 10.03
C ILE D 112 -21.88 -6.99 9.22
N ILE D 113 -22.24 -6.49 8.04
CA ILE D 113 -23.24 -7.09 7.15
C ILE D 113 -22.60 -8.01 6.12
N GLY D 114 -21.42 -7.62 5.65
CA GLY D 114 -20.82 -8.25 4.48
C GLY D 114 -19.39 -7.82 4.35
N GLY D 115 -18.81 -8.16 3.20
CA GLY D 115 -17.38 -7.98 2.96
C GLY D 115 -16.70 -9.33 3.10
N GLU D 116 -15.61 -9.54 2.40
CA GLU D 116 -14.92 -10.80 2.58
C GLU D 116 -14.00 -10.70 3.77
N HIS D 117 -14.37 -11.40 4.81
CA HIS D 117 -13.56 -11.61 6.02
C HIS D 117 -14.05 -12.76 6.89
N ARG D 118 -13.34 -12.96 8.00
CA ARG D 118 -13.60 -14.08 8.90
C ARG D 118 -14.58 -13.73 10.02
N LEU D 119 -14.96 -12.45 10.12
CA LEU D 119 -15.88 -12.04 11.16
C LEU D 119 -17.34 -12.24 10.74
N THR D 120 -18.05 -13.08 11.50
CA THR D 120 -19.45 -13.36 11.22
C THR D 120 -20.34 -12.88 12.36
N ASN D 121 -21.33 -12.07 12.01
CA ASN D 121 -22.31 -11.53 12.95
C ASN D 121 -21.67 -10.60 14.00
N TYR D 122 -20.56 -9.96 13.65
CA TYR D 122 -19.94 -8.98 14.53
C TYR D 122 -20.89 -7.81 14.74
N LYS D 123 -21.08 -7.45 16.00
CA LYS D 123 -21.89 -6.29 16.37
C LYS D 123 -21.24 -5.62 17.57
N SER D 124 -21.09 -4.31 17.49
CA SER D 124 -20.48 -3.58 18.58
C SER D 124 -21.27 -2.35 18.98
N VAL D 125 -21.09 -1.92 20.22
CA VAL D 125 -21.78 -0.75 20.78
C VAL D 125 -20.70 0.08 21.46
N THR D 126 -20.73 1.40 21.22
CA THR D 126 -19.78 2.33 21.84
C THR D 126 -20.58 3.36 22.62
N THR D 127 -20.19 3.58 23.88
CA THR D 127 -20.80 4.62 24.73
C THR D 127 -19.76 5.57 25.27
N VAL D 128 -20.15 6.84 25.44
CA VAL D 128 -19.20 7.89 25.81
C VAL D 128 -19.71 8.55 27.09
N HIS D 129 -18.80 8.73 28.06
CA HIS D 129 -19.19 9.07 29.42
C HIS D 129 -18.40 10.25 29.95
N ARG D 130 -19.13 11.21 30.52
CA ARG D 130 -18.53 12.38 31.13
C ARG D 130 -18.09 12.10 32.56
N PHE D 131 -16.88 12.49 32.92
CA PHE D 131 -16.46 12.54 34.33
C PHE D 131 -15.96 13.93 34.70
N GLU D 132 -16.28 14.37 35.91
CA GLU D 132 -15.82 15.67 36.45
C GLU D 132 -15.40 15.57 37.91
N LYS D 133 -14.21 16.04 38.23
CA LYS D 133 -13.72 15.94 39.59
C LYS D 133 -13.03 17.23 39.94
N GLU D 134 -13.29 17.78 41.09
CA GLU D 134 -12.63 19.02 41.43
C GLU D 134 -12.98 19.88 40.26
N ASN D 135 -12.07 20.48 39.53
CA ASN D 135 -12.56 21.21 38.36
C ASN D 135 -12.29 20.55 36.99
N ARG D 136 -11.71 19.37 37.03
CA ARG D 136 -11.31 18.68 35.81
C ARG D 136 -12.38 17.81 35.17
N ILE D 137 -12.41 17.84 33.85
CA ILE D 137 -13.35 17.05 33.05
C ILE D 137 -12.54 16.06 32.24
N TRP D 138 -13.01 14.82 32.17
CA TRP D 138 -12.42 13.82 31.31
C TRP D 138 -13.46 12.84 30.79
N THR D 139 -13.06 11.97 29.87
CA THR D 139 -14.00 11.06 29.24
C THR D 139 -13.60 9.62 29.48
N VAL D 140 -14.58 8.73 29.60
CA VAL D 140 -14.34 7.30 29.47
C VAL D 140 -15.20 6.78 28.32
N VAL D 141 -14.57 6.06 27.40
CA VAL D 141 -15.26 5.37 26.31
C VAL D 141 -15.29 3.90 26.63
N LEU D 142 -16.47 3.30 26.51
CA LEU D 142 -16.62 1.85 26.62
C LEU D 142 -17.07 1.34 25.28
N GLU D 143 -16.46 0.25 24.83
CA GLU D 143 -16.86 -0.42 23.61
C GLU D 143 -16.87 -1.93 23.87
N SER D 144 -18.00 -2.57 23.54
CA SER D 144 -18.15 -4.02 23.58
C SER D 144 -18.57 -4.56 22.20
N TYR D 145 -18.31 -5.84 21.96
CA TYR D 145 -18.73 -6.47 20.72
C TYR D 145 -19.18 -7.88 21.03
N VAL D 146 -20.02 -8.44 20.15
CA VAL D 146 -20.29 -9.89 20.12
C VAL D 146 -20.02 -10.38 18.72
N VAL D 147 -19.43 -11.57 18.61
CA VAL D 147 -19.12 -12.22 17.31
C VAL D 147 -19.40 -13.70 17.39
N ASP D 148 -19.68 -14.30 16.24
CA ASP D 148 -19.71 -15.74 16.11
C ASP D 148 -18.27 -16.22 16.06
N MET D 149 -17.94 -17.17 16.93
CA MET D 149 -16.65 -17.83 16.86
C MET D 149 -16.76 -18.96 15.82
N PRO D 150 -15.72 -19.11 14.97
CA PRO D 150 -15.60 -20.22 14.03
C PRO D 150 -15.79 -21.63 14.61
N GLU D 151 -15.73 -22.62 13.73
CA GLU D 151 -16.01 -24.03 14.05
C GLU D 151 -14.79 -24.79 14.61
N GLY D 152 -13.81 -24.09 15.18
CA GLY D 152 -12.67 -24.78 15.78
C GLY D 152 -12.88 -25.05 17.25
N ASN D 153 -14.13 -24.94 17.64
CA ASN D 153 -14.57 -24.84 19.05
C ASN D 153 -14.09 -23.53 19.66
N SER D 154 -13.48 -23.59 20.81
CA SER D 154 -13.03 -22.37 21.46
C SER D 154 -11.84 -21.81 20.75
N GLU D 155 -12.03 -21.34 19.52
CA GLU D 155 -10.96 -20.70 18.77
C GLU D 155 -10.78 -19.29 19.34
N ASP D 156 -9.91 -19.18 20.34
CA ASP D 156 -9.63 -17.91 21.01
C ASP D 156 -8.93 -16.92 20.10
N ASP D 157 -8.61 -17.35 18.88
CA ASP D 157 -7.95 -16.51 17.88
C ASP D 157 -8.80 -15.28 17.52
N THR D 158 -10.10 -15.51 17.29
CA THR D 158 -11.03 -14.46 16.88
C THR D 158 -11.13 -13.35 17.92
N ARG D 159 -11.33 -13.73 19.18
CA ARG D 159 -11.43 -12.78 20.27
C ARG D 159 -10.10 -12.02 20.43
N MET D 160 -9.00 -12.74 20.36
CA MET D 160 -7.68 -12.13 20.48
C MET D 160 -7.46 -11.12 19.39
N PHE D 161 -7.81 -11.48 18.15
CA PHE D 161 -7.71 -10.55 17.04
C PHE D 161 -8.60 -9.30 17.22
N ALA D 162 -9.89 -9.51 17.47
CA ALA D 162 -10.82 -8.36 17.62
C ALA D 162 -10.44 -7.46 18.80
N ASP D 163 -10.05 -8.08 19.92
CA ASP D 163 -9.66 -7.34 21.10
C ASP D 163 -8.51 -6.38 20.79
N THR D 164 -7.50 -6.87 20.10
CA THR D 164 -6.35 -6.05 19.72
C THR D 164 -6.78 -4.86 18.88
N VAL D 165 -7.56 -5.12 17.85
CA VAL D 165 -8.05 -4.05 16.96
C VAL D 165 -8.86 -3.01 17.75
N VAL D 166 -9.83 -3.47 18.52
CA VAL D 166 -10.65 -2.56 19.31
C VAL D 166 -9.76 -1.72 20.24
N LYS D 167 -8.85 -2.38 20.96
CA LYS D 167 -7.95 -1.70 21.89
C LYS D 167 -7.08 -0.62 21.22
N LEU D 168 -6.53 -0.97 20.06
CA LEU D 168 -5.70 -0.05 19.27
C LEU D 168 -6.51 1.13 18.76
N ASN D 169 -7.74 0.88 18.31
CA ASN D 169 -8.64 1.93 17.85
C ASN D 169 -9.09 2.88 18.96
N LEU D 170 -9.32 2.35 20.16
CA LEU D 170 -9.61 3.22 21.33
C LEU D 170 -8.41 4.08 21.72
N GLN D 171 -7.19 3.54 21.57
CA GLN D 171 -5.96 4.30 21.87
C GLN D 171 -5.81 5.43 20.87
N LYS D 172 -6.05 5.15 19.59
CA LYS D 172 -6.03 6.20 18.59
C LYS D 172 -7.11 7.25 18.83
N LEU D 173 -8.33 6.82 19.18
CA LEU D 173 -9.38 7.75 19.53
C LEU D 173 -8.90 8.72 20.62
N ALA D 174 -8.29 8.18 21.67
CA ALA D 174 -7.76 9.02 22.76
C ALA D 174 -6.69 10.00 22.25
N THR D 175 -5.76 9.50 21.44
CA THR D 175 -4.65 10.35 20.96
C THR D 175 -5.15 11.50 20.07
N VAL D 176 -6.10 11.19 19.17
CA VAL D 176 -6.75 12.15 18.29
C VAL D 176 -7.56 13.21 19.08
N ALA D 177 -8.41 12.77 20.01
CA ALA D 177 -9.26 13.71 20.79
C ALA D 177 -8.38 14.60 21.65
N GLU D 178 -7.38 14.01 22.30
CA GLU D 178 -6.47 14.75 23.15
C GLU D 178 -5.69 15.81 22.36
N ALA D 179 -5.13 15.41 21.22
CA ALA D 179 -4.44 16.34 20.32
C ALA D 179 -5.37 17.46 19.87
N MET D 180 -6.62 17.12 19.52
CA MET D 180 -7.62 18.11 19.13
C MET D 180 -7.97 19.08 20.26
N ALA D 181 -7.95 18.58 21.49
CA ALA D 181 -8.25 19.39 22.67
C ALA D 181 -7.17 20.46 22.91
N ARG D 182 -5.96 20.20 22.41
CA ARG D 182 -4.83 21.16 22.52
C ARG D 182 -4.80 22.21 21.42
#